data_6GPG
#
_entry.id   6GPG
#
_cell.length_a   175.620
_cell.length_b   175.620
_cell.length_c   109.530
_cell.angle_alpha   90.00
_cell.angle_beta   90.00
_cell.angle_gamma   120.00
#
_symmetry.space_group_name_H-M   'P 65 2 2'
#
loop_
_entity.id
_entity.type
_entity.pdbx_description
1 polymer "RNA (5'-R(*CP*GP*AP*CP*GP*CP*UP*AP*GP*CP*GP*UP*CP*G)-3')"
2 polymer 'Probable ATP-dependent RNA helicase DDX58'
3 non-polymer 'ZINC ION'
4 non-polymer 'MAGNESIUM ION'
#
loop_
_entity_poly.entity_id
_entity_poly.type
_entity_poly.pdbx_seq_one_letter_code
_entity_poly.pdbx_strand_id
1 'polyribonucleotide' CGACGCUAGCGUCG B,C
2 'polypeptide(L)'
;MHHHHHHSSGLEVLFQGPHMVSDTNLYSPFKPRNYQLELALPAMKGKNTIICAPTGFGKTFVSLLICEHHLKKFPQGQKG
KVVFFANQIPVYEQQKSVFSKYFERHGYRVTGISGATAENVPVEQIVENNDIIILTPQILVNNLKKGTIPSLSIFTLMIF
DECHNTSKQHPYNMIMFNYLDQKLGGSSGPLPQVIGLTASVGVGDAKNTDEALDYICKLCASLDASVIATVKHNLEELEQ
VVYKPQKFFRKVESRISDKFKYIIAQLMRDTESLAKRICKDLENLSQIQNREFGTQKYEQWIVTVQKACMVFQMPDKDEE
SRICKALFLYTSHLRKYNDALIISEHARMKDALDYLKDFFSNVRAAGFDEIEQDLTQRFEEKLQELESVSRDPSNENPKL
EDLCFILQEEYHLNPETITILFVKTRALVDALKNWIEGNPKLSFLKPGILTGRGKTNQNTGMTLPAQKCILDAFKASGDH
NILIATSVADEGIDIAQCNLVILYEYVGNVIKMIQTRGRGRARGSKCFLLTSNAGVIEKEQINMYKEKMMNDSILRLQTW
DEAVFREKILHIQTHEKFIRDSQEKPKPVPDKENKKLLCRKCKALACYTADVRVIEECHYTVLGDAFKECFVSRPHPKPK
QFSSFEKRAKIFCARQNCSHDWGIHVKYKTFEIPVIKIESFVVEDIATGVQTLYSKWKDFHFEKIPFDPAEMSK
;
A
#
# COMPACT_ATOMS: atom_id res chain seq x y z
N SER C 28 -33.29 -17.59 7.66
CA SER C 28 -32.03 -17.50 8.39
C SER C 28 -31.57 -18.85 8.96
N PRO C 29 -31.47 -19.90 8.11
CA PRO C 29 -31.21 -21.24 8.64
C PRO C 29 -29.73 -21.62 8.77
N PHE C 30 -28.86 -20.78 9.32
CA PHE C 30 -27.51 -21.22 9.66
C PHE C 30 -27.07 -20.72 11.01
N LYS C 31 -27.98 -20.71 11.99
CA LYS C 31 -27.57 -20.73 13.40
C LYS C 31 -26.74 -19.50 13.77
N PRO C 32 -27.30 -18.29 13.78
CA PRO C 32 -26.52 -17.12 14.19
C PRO C 32 -26.42 -17.04 15.71
N ARG C 33 -25.36 -16.38 16.16
CA ARG C 33 -25.14 -16.17 17.57
C ARG C 33 -25.72 -14.82 18.02
N ASN C 34 -26.04 -14.72 19.30
CA ASN C 34 -26.80 -13.58 19.80
C ASN C 34 -26.03 -12.26 19.64
N TYR C 35 -24.70 -12.30 19.73
CA TYR C 35 -23.95 -11.06 19.58
C TYR C 35 -24.03 -10.54 18.15
N GLN C 36 -24.27 -11.45 17.19
CA GLN C 36 -24.49 -11.02 15.81
C GLN C 36 -25.78 -10.23 15.67
N LEU C 37 -26.88 -10.77 16.19
CA LEU C 37 -28.14 -10.04 16.19
C LEU C 37 -28.02 -8.73 16.95
N GLU C 38 -27.30 -8.74 18.08
CA GLU C 38 -27.11 -7.52 18.85
C GLU C 38 -26.35 -6.46 18.05
N LEU C 39 -25.34 -6.86 17.27
CA LEU C 39 -24.66 -5.89 16.42
C LEU C 39 -25.57 -5.43 15.27
N ALA C 40 -26.36 -6.35 14.71
CA ALA C 40 -27.10 -6.01 13.50
C ALA C 40 -28.33 -5.16 13.78
N LEU C 41 -28.90 -5.28 14.99
CA LEU C 41 -30.16 -4.64 15.40
C LEU C 41 -30.26 -3.18 14.96
N PRO C 42 -29.32 -2.30 15.32
CA PRO C 42 -29.49 -0.88 14.93
C PRO C 42 -29.48 -0.67 13.42
N ALA C 43 -28.65 -1.43 12.69
CA ALA C 43 -28.71 -1.35 11.23
C ALA C 43 -30.09 -1.75 10.74
N MET C 44 -30.64 -2.84 11.28
CA MET C 44 -32.00 -3.25 10.96
C MET C 44 -33.03 -2.23 11.41
N LYS C 45 -32.65 -1.23 12.20
CA LYS C 45 -33.59 -0.16 12.55
C LYS C 45 -33.43 1.08 11.67
N GLY C 46 -32.57 1.02 10.65
CA GLY C 46 -32.44 2.08 9.67
C GLY C 46 -31.41 3.13 9.98
N LYS C 47 -30.69 3.00 11.09
CA LYS C 47 -29.71 4.00 11.47
C LYS C 47 -28.39 3.73 10.77
N ASN C 48 -27.72 4.81 10.34
CA ASN C 48 -26.39 4.69 9.77
C ASN C 48 -25.46 4.25 10.89
N THR C 49 -24.83 3.10 10.71
CA THR C 49 -24.27 2.38 11.85
C THR C 49 -22.85 1.94 11.55
N ILE C 50 -21.99 2.03 12.55
CA ILE C 50 -20.65 1.44 12.46
C ILE C 50 -20.59 0.25 13.39
N ILE C 51 -20.44 -0.95 12.82
CA ILE C 51 -20.26 -2.17 13.59
C ILE C 51 -18.77 -2.29 13.93
N CYS C 52 -18.46 -2.33 15.23
CA CYS C 52 -17.08 -2.42 15.70
C CYS C 52 -16.93 -3.67 16.55
N ALA C 53 -16.32 -4.70 15.96
CA ALA C 53 -16.28 -5.99 16.59
C ALA C 53 -14.97 -6.68 16.21
N PRO C 54 -14.43 -7.55 17.07
CA PRO C 54 -13.13 -8.17 16.81
C PRO C 54 -13.08 -8.96 15.51
N THR C 55 -11.93 -8.90 14.84
CA THR C 55 -11.71 -9.69 13.63
C THR C 55 -12.06 -11.16 13.87
N GLY C 56 -12.94 -11.70 13.04
CA GLY C 56 -13.39 -13.06 13.19
C GLY C 56 -14.76 -13.25 13.81
N PHE C 57 -15.40 -12.18 14.29
CA PHE C 57 -16.75 -12.33 14.84
C PHE C 57 -17.77 -12.81 13.81
N GLY C 58 -17.39 -12.90 12.53
CA GLY C 58 -18.33 -13.27 11.50
C GLY C 58 -19.11 -12.08 10.99
N LYS C 59 -18.39 -11.14 10.37
CA LYS C 59 -19.08 -9.99 9.82
C LYS C 59 -19.94 -10.37 8.62
N THR C 60 -19.55 -11.40 7.89
CA THR C 60 -20.28 -11.74 6.67
C THR C 60 -21.72 -12.13 6.96
N PHE C 61 -21.94 -12.92 8.02
CA PHE C 61 -23.31 -13.24 8.40
C PHE C 61 -24.07 -11.98 8.77
N VAL C 62 -23.44 -11.08 9.53
CA VAL C 62 -24.11 -9.83 9.89
C VAL C 62 -24.52 -9.05 8.65
N SER C 63 -23.63 -8.95 7.65
CA SER C 63 -23.98 -8.23 6.43
C SER C 63 -25.15 -8.90 5.74
N LEU C 64 -25.16 -10.23 5.73
CA LEU C 64 -26.22 -10.93 5.03
C LEU C 64 -27.54 -10.73 5.72
N LEU C 65 -27.55 -10.83 7.05
CA LEU C 65 -28.78 -10.59 7.81
C LEU C 65 -29.31 -9.19 7.56
N ILE C 66 -28.42 -8.20 7.65
CA ILE C 66 -28.81 -6.81 7.44
C ILE C 66 -29.42 -6.63 6.05
N CYS C 67 -28.85 -7.27 5.03
CA CYS C 67 -29.37 -7.09 3.68
C CYS C 67 -30.71 -7.79 3.49
N GLU C 68 -30.80 -9.05 3.91
CA GLU C 68 -32.06 -9.77 3.84
C GLU C 68 -33.16 -8.92 4.48
N HIS C 69 -32.88 -8.38 5.65
CA HIS C 69 -33.85 -7.51 6.31
C HIS C 69 -34.12 -6.26 5.48
N HIS C 70 -33.06 -5.62 4.97
CA HIS C 70 -33.22 -4.34 4.30
C HIS C 70 -34.21 -4.43 3.17
N LEU C 71 -34.14 -5.48 2.38
CA LEU C 71 -35.01 -5.52 1.22
C LEU C 71 -36.21 -6.44 1.38
N LYS C 72 -36.33 -7.18 2.49
CA LYS C 72 -37.64 -7.70 2.88
C LYS C 72 -38.58 -6.57 3.31
N LYS C 73 -38.02 -5.39 3.64
CA LYS C 73 -38.79 -4.30 4.23
C LYS C 73 -39.81 -3.71 3.26
N PHE C 74 -39.50 -3.68 1.96
CA PHE C 74 -40.17 -2.75 1.08
C PHE C 74 -41.63 -3.15 0.79
N PRO C 75 -42.47 -2.15 0.47
CA PRO C 75 -43.78 -2.45 -0.11
C PRO C 75 -43.63 -2.98 -1.52
N GLN C 76 -44.75 -3.32 -2.15
CA GLN C 76 -44.70 -3.96 -3.47
C GLN C 76 -44.25 -3.00 -4.57
N GLY C 77 -44.61 -1.72 -4.45
CA GLY C 77 -44.35 -0.74 -5.50
C GLY C 77 -42.97 -0.12 -5.50
N GLN C 78 -42.22 -0.29 -4.43
CA GLN C 78 -40.85 0.16 -4.35
C GLN C 78 -39.93 -1.05 -4.25
N LYS C 79 -38.68 -0.86 -4.65
CA LYS C 79 -37.71 -1.93 -4.54
C LYS C 79 -36.41 -1.36 -3.99
N GLY C 80 -35.60 -2.22 -3.38
CA GLY C 80 -34.33 -1.83 -2.81
C GLY C 80 -33.15 -2.15 -3.69
N LYS C 81 -32.05 -1.42 -3.45
CA LYS C 81 -30.80 -1.64 -4.17
C LYS C 81 -29.65 -1.46 -3.19
N VAL C 82 -28.89 -2.53 -2.97
CA VAL C 82 -27.80 -2.57 -2.00
C VAL C 82 -26.48 -2.58 -2.74
N VAL C 83 -25.52 -1.80 -2.25
CA VAL C 83 -24.14 -1.87 -2.75
C VAL C 83 -23.19 -2.17 -1.61
N PHE C 84 -22.30 -3.13 -1.83
CA PHE C 84 -21.27 -3.55 -0.88
C PHE C 84 -19.90 -3.23 -1.46
N PHE C 85 -19.11 -2.46 -0.73
CA PHE C 85 -17.76 -2.09 -1.14
C PHE C 85 -16.75 -2.96 -0.40
N ALA C 86 -15.89 -3.63 -1.16
CA ALA C 86 -14.60 -4.14 -0.71
C ALA C 86 -13.51 -3.54 -1.57
N ASN C 87 -12.35 -3.21 -0.98
CA ASN C 87 -11.26 -2.63 -1.75
C ASN C 87 -10.06 -3.55 -1.81
N GLN C 88 -10.31 -4.86 -1.80
CA GLN C 88 -9.29 -5.82 -2.20
C GLN C 88 -9.99 -6.93 -2.97
N ILE C 89 -9.39 -7.34 -4.10
CA ILE C 89 -10.06 -8.25 -5.04
C ILE C 89 -10.48 -9.57 -4.38
N PRO C 90 -9.65 -10.26 -3.59
CA PRO C 90 -10.11 -11.51 -3.00
C PRO C 90 -11.39 -11.36 -2.19
N VAL C 91 -11.47 -10.29 -1.40
CA VAL C 91 -12.66 -10.04 -0.59
C VAL C 91 -13.86 -9.78 -1.48
N TYR C 92 -13.67 -9.02 -2.54
CA TYR C 92 -14.70 -8.81 -3.56
C TYR C 92 -15.21 -10.13 -4.11
N GLU C 93 -14.31 -11.00 -4.59
CA GLU C 93 -14.75 -12.23 -5.21
C GLU C 93 -15.46 -13.12 -4.18
N GLN C 94 -14.95 -13.14 -2.95
CA GLN C 94 -15.56 -13.95 -1.90
C GLN C 94 -16.97 -13.50 -1.59
N GLN C 95 -17.14 -12.20 -1.38
CA GLN C 95 -18.45 -11.69 -1.04
C GLN C 95 -19.40 -11.83 -2.21
N LYS C 96 -18.94 -11.55 -3.44
CA LYS C 96 -19.79 -11.73 -4.61
C LYS C 96 -20.36 -13.14 -4.62
N SER C 97 -19.50 -14.13 -4.39
CA SER C 97 -19.92 -15.53 -4.43
C SER C 97 -20.97 -15.82 -3.38
N VAL C 98 -20.69 -15.44 -2.13
CA VAL C 98 -21.58 -15.86 -1.05
C VAL C 98 -22.92 -15.10 -1.11
N PHE C 99 -22.90 -13.83 -1.54
CA PHE C 99 -24.15 -13.09 -1.68
C PHE C 99 -25.05 -13.71 -2.75
N SER C 100 -24.48 -14.07 -3.91
CA SER C 100 -25.37 -14.62 -4.93
C SER C 100 -25.87 -15.99 -4.53
N LYS C 101 -25.08 -16.75 -3.77
CA LYS C 101 -25.59 -18.04 -3.31
C LYS C 101 -26.72 -17.87 -2.29
N TYR C 102 -26.58 -16.92 -1.34
CA TYR C 102 -27.63 -16.73 -0.34
C TYR C 102 -28.90 -16.11 -0.93
N PHE C 103 -28.79 -15.31 -2.00
CA PHE C 103 -29.89 -14.42 -2.34
C PHE C 103 -30.67 -14.79 -3.60
N GLU C 104 -30.17 -15.65 -4.47
CA GLU C 104 -30.97 -15.94 -5.65
C GLU C 104 -32.22 -16.73 -5.25
N ARG C 105 -32.09 -17.58 -4.25
CA ARG C 105 -33.23 -18.35 -3.76
C ARG C 105 -34.38 -17.42 -3.38
N HIS C 106 -34.08 -16.18 -2.93
CA HIS C 106 -35.07 -15.20 -2.56
C HIS C 106 -35.49 -14.28 -3.69
N GLY C 107 -34.85 -14.37 -4.85
CA GLY C 107 -35.26 -13.60 -6.01
C GLY C 107 -34.55 -12.29 -6.25
N TYR C 108 -33.28 -12.17 -5.88
CA TYR C 108 -32.55 -10.91 -6.00
C TYR C 108 -31.32 -11.11 -6.87
N ARG C 109 -31.29 -10.42 -8.01
CA ARG C 109 -30.13 -10.43 -8.89
C ARG C 109 -28.92 -9.83 -8.16
N VAL C 110 -27.86 -10.62 -8.04
CA VAL C 110 -26.59 -10.19 -7.46
C VAL C 110 -25.56 -10.09 -8.58
N THR C 111 -24.70 -9.08 -8.51
CA THR C 111 -23.63 -8.94 -9.49
C THR C 111 -22.50 -8.10 -8.88
N GLY C 112 -21.42 -7.93 -9.64
CA GLY C 112 -20.28 -7.15 -9.19
C GLY C 112 -19.54 -6.52 -10.35
N ILE C 113 -18.70 -5.55 -10.01
CA ILE C 113 -17.85 -4.86 -10.98
C ILE C 113 -16.48 -4.59 -10.35
N SER C 114 -15.41 -4.95 -11.05
CA SER C 114 -14.06 -4.66 -10.64
C SER C 114 -13.23 -4.27 -11.87
N GLY C 115 -11.94 -4.01 -11.64
CA GLY C 115 -11.11 -3.41 -12.68
C GLY C 115 -11.13 -4.18 -13.98
N ALA C 116 -11.08 -5.50 -13.89
CA ALA C 116 -11.00 -6.35 -15.08
C ALA C 116 -12.32 -6.44 -15.83
N THR C 117 -13.44 -6.22 -15.16
CA THR C 117 -14.76 -6.38 -15.73
C THR C 117 -15.47 -5.04 -15.97
N ALA C 118 -14.72 -3.92 -15.96
CA ALA C 118 -15.29 -2.59 -15.94
C ALA C 118 -15.47 -1.96 -17.32
N GLU C 119 -14.74 -2.39 -18.33
CA GLU C 119 -14.64 -1.63 -19.58
C GLU C 119 -15.64 -2.08 -20.64
N ASN C 120 -16.11 -1.11 -21.41
CA ASN C 120 -16.97 -1.33 -22.57
C ASN C 120 -18.27 -2.04 -22.20
N VAL C 121 -18.71 -1.84 -20.96
CA VAL C 121 -19.97 -2.37 -20.47
C VAL C 121 -20.79 -1.21 -19.94
N PRO C 122 -22.04 -1.04 -20.35
CA PRO C 122 -22.83 0.11 -19.90
C PRO C 122 -23.21 0.01 -18.44
N VAL C 123 -22.26 0.41 -17.58
CA VAL C 123 -22.36 0.24 -16.12
C VAL C 123 -23.71 0.70 -15.59
N GLU C 124 -24.27 1.76 -16.17
CA GLU C 124 -25.60 2.24 -15.79
C GLU C 124 -26.63 1.12 -15.65
N GLN C 125 -26.85 0.38 -16.75
CA GLN C 125 -27.92 -0.60 -16.74
C GLN C 125 -27.51 -1.89 -16.05
N ILE C 126 -26.21 -2.13 -15.91
CA ILE C 126 -25.79 -3.18 -15.00
C ILE C 126 -26.30 -2.88 -13.60
N VAL C 127 -26.15 -1.63 -13.17
CA VAL C 127 -26.59 -1.25 -11.83
C VAL C 127 -28.12 -1.34 -11.73
N GLU C 128 -28.82 -0.78 -12.72
CA GLU C 128 -30.28 -0.83 -12.70
C GLU C 128 -30.78 -2.27 -12.64
N ASN C 129 -30.18 -3.17 -13.42
CA ASN C 129 -30.76 -4.49 -13.62
C ASN C 129 -30.50 -5.43 -12.46
N ASN C 130 -29.81 -4.98 -11.41
CA ASN C 130 -29.37 -5.86 -10.34
C ASN C 130 -29.73 -5.26 -8.99
N ASP C 131 -30.03 -6.14 -8.04
CA ASP C 131 -30.54 -5.75 -6.73
C ASP C 131 -29.48 -5.73 -5.64
N ILE C 132 -28.36 -6.45 -5.80
CA ILE C 132 -27.22 -6.39 -4.90
C ILE C 132 -25.96 -6.28 -5.75
N ILE C 133 -25.09 -5.35 -5.38
CA ILE C 133 -24.02 -4.93 -6.28
C ILE C 133 -22.74 -4.80 -5.49
N ILE C 134 -21.72 -5.60 -5.82
CA ILE C 134 -20.44 -5.63 -5.12
C ILE C 134 -19.41 -4.88 -5.95
N LEU C 135 -18.75 -3.89 -5.35
CA LEU C 135 -17.84 -3.01 -6.08
C LEU C 135 -16.53 -2.79 -5.35
N THR C 136 -15.44 -2.75 -6.12
CA THR C 136 -14.33 -1.91 -5.75
C THR C 136 -14.81 -0.46 -5.65
N PRO C 137 -14.19 0.34 -4.79
CA PRO C 137 -14.66 1.75 -4.66
C PRO C 137 -14.19 2.65 -5.81
N GLN C 138 -12.99 2.39 -6.35
CA GLN C 138 -12.48 3.24 -7.41
C GLN C 138 -13.42 3.27 -8.60
N ILE C 139 -14.06 2.14 -8.92
CA ILE C 139 -14.93 2.16 -10.09
C ILE C 139 -16.11 3.08 -9.84
N LEU C 140 -16.60 3.16 -8.60
CA LEU C 140 -17.78 3.97 -8.34
C LEU C 140 -17.45 5.46 -8.30
N VAL C 141 -16.29 5.84 -7.75
CA VAL C 141 -15.91 7.24 -7.87
C VAL C 141 -15.69 7.61 -9.35
N ASN C 142 -15.11 6.68 -10.11
CA ASN C 142 -14.88 6.95 -11.53
C ASN C 142 -16.19 7.13 -12.27
N ASN C 143 -17.19 6.33 -11.93
CA ASN C 143 -18.48 6.45 -12.60
C ASN C 143 -19.25 7.67 -12.11
N LEU C 144 -19.13 7.99 -10.83
CA LEU C 144 -19.79 9.17 -10.29
C LEU C 144 -19.27 10.43 -10.97
N LYS C 145 -17.96 10.51 -11.18
CA LYS C 145 -17.39 11.75 -11.68
C LYS C 145 -17.72 11.97 -13.15
N LYS C 146 -17.75 10.89 -13.97
CA LYS C 146 -18.14 11.02 -15.37
C LYS C 146 -19.65 10.90 -15.57
N GLY C 147 -20.44 11.04 -14.50
CA GLY C 147 -21.87 11.16 -14.60
C GLY C 147 -22.59 9.94 -15.11
N THR C 148 -21.85 8.91 -15.55
CA THR C 148 -22.46 7.62 -15.85
C THR C 148 -23.39 7.17 -14.74
N ILE C 149 -23.09 7.54 -13.50
CA ILE C 149 -23.94 7.39 -12.33
C ILE C 149 -24.32 8.80 -11.86
N PRO C 150 -25.58 9.21 -12.02
CA PRO C 150 -25.94 10.58 -11.66
C PRO C 150 -25.79 10.86 -10.16
N SER C 151 -26.49 10.11 -9.32
CA SER C 151 -26.44 10.37 -7.89
C SER C 151 -26.52 9.07 -7.12
N LEU C 152 -26.07 9.13 -5.86
CA LEU C 152 -26.10 7.95 -5.00
C LEU C 152 -27.51 7.58 -4.59
N SER C 153 -28.48 8.47 -4.78
CA SER C 153 -29.87 8.21 -4.45
C SER C 153 -30.39 6.97 -5.16
N ILE C 154 -29.61 6.45 -6.11
CA ILE C 154 -29.92 5.16 -6.74
C ILE C 154 -29.89 4.04 -5.69
N PHE C 155 -29.01 4.15 -4.70
CA PHE C 155 -28.85 3.09 -3.70
C PHE C 155 -29.70 3.36 -2.47
N THR C 156 -30.16 2.27 -1.88
CA THR C 156 -30.89 2.32 -0.63
C THR C 156 -30.02 1.99 0.57
N LEU C 157 -28.93 1.27 0.34
CA LEU C 157 -28.05 0.86 1.41
C LEU C 157 -26.65 0.76 0.84
N MET C 158 -25.70 1.32 1.57
CA MET C 158 -24.29 1.18 1.23
C MET C 158 -23.56 0.56 2.42
N ILE C 159 -22.65 -0.36 2.11
CA ILE C 159 -21.94 -1.10 3.14
C ILE C 159 -20.46 -1.02 2.84
N PHE C 160 -19.70 -0.36 3.70
CA PHE C 160 -18.26 -0.27 3.56
C PHE C 160 -17.59 -1.32 4.44
N ASP C 161 -16.95 -2.33 3.84
CA ASP C 161 -16.16 -3.24 4.65
C ASP C 161 -14.80 -2.61 4.94
N GLU C 162 -14.35 -2.68 6.21
CA GLU C 162 -13.10 -2.06 6.65
C GLU C 162 -13.19 -0.55 6.46
N CYS C 163 -14.25 0.04 7.02
CA CYS C 163 -14.63 1.43 6.84
C CYS C 163 -13.71 2.42 7.55
N HIS C 164 -12.77 1.94 8.36
CA HIS C 164 -11.85 2.84 9.07
C HIS C 164 -10.94 3.66 8.15
N ASN C 165 -10.83 3.32 6.87
CA ASN C 165 -10.06 4.17 5.97
C ASN C 165 -10.95 5.08 5.14
N THR C 166 -12.19 5.33 5.59
CA THR C 166 -13.00 6.43 5.08
C THR C 166 -12.35 7.70 5.62
N SER C 167 -11.18 7.99 5.08
CA SER C 167 -10.25 8.95 5.58
C SER C 167 -9.58 9.54 4.35
N LYS C 168 -8.44 10.19 4.54
CA LYS C 168 -8.09 11.38 3.77
C LYS C 168 -8.49 11.37 2.29
N GLN C 169 -7.77 10.62 1.44
CA GLN C 169 -8.00 10.67 0.00
C GLN C 169 -8.58 9.37 -0.50
N HIS C 170 -8.72 8.39 0.39
CA HIS C 170 -9.14 7.05 0.03
C HIS C 170 -10.47 7.10 -0.70
N PRO C 171 -10.69 6.21 -1.68
CA PRO C 171 -11.93 6.25 -2.47
C PRO C 171 -13.19 6.18 -1.63
N TYR C 172 -13.17 5.45 -0.50
CA TYR C 172 -14.28 5.50 0.45
C TYR C 172 -14.66 6.93 0.79
N ASN C 173 -13.65 7.75 1.07
CA ASN C 173 -13.92 9.12 1.42
C ASN C 173 -14.43 9.91 0.24
N MET C 174 -13.94 9.62 -0.97
CA MET C 174 -14.43 10.37 -2.11
C MET C 174 -15.90 10.08 -2.37
N ILE C 175 -16.29 8.80 -2.23
CA ILE C 175 -17.70 8.44 -2.30
C ILE C 175 -18.48 9.23 -1.26
N MET C 176 -18.00 9.19 -0.01
CA MET C 176 -18.73 9.88 1.05
C MET C 176 -18.80 11.38 0.81
N PHE C 177 -17.77 11.96 0.16
CA PHE C 177 -17.85 13.37 -0.17
C PHE C 177 -19.03 13.63 -1.08
N ASN C 178 -19.19 12.78 -2.11
CA ASN C 178 -20.37 12.90 -2.97
C ASN C 178 -21.66 12.82 -2.14
N TYR C 179 -21.70 11.88 -1.19
CA TYR C 179 -22.88 11.71 -0.35
C TYR C 179 -23.17 12.98 0.44
N LEU C 180 -22.12 13.55 1.05
CA LEU C 180 -22.28 14.74 1.89
C LEU C 180 -22.69 15.93 1.06
N ASP C 181 -22.15 16.05 -0.14
CA ASP C 181 -22.59 17.09 -1.06
C ASP C 181 -24.10 17.02 -1.26
N GLN C 182 -24.62 15.84 -1.60
CA GLN C 182 -26.06 15.75 -1.75
C GLN C 182 -26.77 16.03 -0.42
N LYS C 183 -26.12 15.69 0.70
CA LYS C 183 -26.72 15.91 2.01
C LYS C 183 -26.93 17.39 2.30
N LEU C 184 -25.89 18.19 2.09
CA LEU C 184 -25.87 19.58 2.56
C LEU C 184 -26.39 20.57 1.53
N GLY C 185 -26.28 20.24 0.24
CA GLY C 185 -26.88 21.08 -0.78
C GLY C 185 -28.40 20.96 -0.78
N GLY C 186 -29.03 21.94 -1.44
CA GLY C 186 -30.49 21.95 -1.52
C GLY C 186 -31.07 20.72 -2.18
N SER C 187 -30.34 20.14 -3.13
CA SER C 187 -30.75 18.89 -3.78
C SER C 187 -31.10 17.85 -2.73
N SER C 188 -32.31 17.32 -2.82
CA SER C 188 -32.93 16.57 -1.73
C SER C 188 -33.47 15.23 -2.24
N GLY C 189 -32.66 14.49 -2.98
CA GLY C 189 -32.98 13.11 -3.28
C GLY C 189 -32.86 12.26 -2.04
N PRO C 190 -33.53 11.10 -2.03
CA PRO C 190 -33.48 10.23 -0.83
C PRO C 190 -32.10 9.61 -0.71
N LEU C 191 -31.48 9.79 0.44
CA LEU C 191 -30.12 9.27 0.46
C LEU C 191 -30.09 7.86 1.03
N PRO C 192 -29.07 7.08 0.68
CA PRO C 192 -28.99 5.71 1.19
C PRO C 192 -28.57 5.65 2.64
N GLN C 193 -28.89 4.52 3.25
CA GLN C 193 -28.45 4.23 4.60
C GLN C 193 -27.02 3.67 4.57
N VAL C 194 -26.13 4.23 5.38
CA VAL C 194 -24.70 3.92 5.31
C VAL C 194 -24.31 3.10 6.54
N ILE C 195 -23.80 1.89 6.30
CA ILE C 195 -23.29 1.01 7.34
C ILE C 195 -21.81 0.74 7.08
N GLY C 196 -20.98 0.89 8.10
CA GLY C 196 -19.57 0.55 8.03
C GLY C 196 -19.25 -0.63 8.94
N LEU C 197 -18.36 -1.50 8.49
CA LEU C 197 -17.89 -2.62 9.31
C LEU C 197 -16.41 -2.46 9.57
N THR C 198 -15.99 -2.71 10.81
CA THR C 198 -14.57 -2.58 11.10
C THR C 198 -14.26 -3.29 12.40
N ALA C 199 -13.02 -3.76 12.51
CA ALA C 199 -12.57 -4.29 13.79
C ALA C 199 -12.13 -3.19 14.76
N SER C 200 -11.71 -2.03 14.26
CA SER C 200 -11.52 -0.85 15.11
C SER C 200 -11.55 0.43 14.29
N VAL C 201 -11.75 1.56 14.98
CA VAL C 201 -11.88 2.85 14.31
C VAL C 201 -10.57 3.62 14.15
N GLY C 202 -9.53 3.28 14.90
CA GLY C 202 -8.34 4.09 15.01
C GLY C 202 -8.56 5.31 15.89
N VAL C 203 -7.47 5.86 16.40
CA VAL C 203 -7.51 7.22 16.96
C VAL C 203 -6.53 8.14 16.24
N GLY C 204 -5.74 7.63 15.31
CA GLY C 204 -4.77 8.48 14.66
C GLY C 204 -3.73 8.95 15.65
N ASP C 205 -3.39 10.24 15.56
CA ASP C 205 -2.41 10.85 16.46
C ASP C 205 -3.13 11.57 17.60
N ALA C 206 -3.82 10.78 18.43
CA ALA C 206 -4.55 11.28 19.58
C ALA C 206 -3.84 10.85 20.86
N LYS C 207 -3.80 11.74 21.85
CA LYS C 207 -2.98 11.53 23.03
C LYS C 207 -3.75 11.61 24.35
N ASN C 208 -5.06 11.85 24.31
CA ASN C 208 -5.91 11.71 25.49
C ASN C 208 -7.31 11.33 25.04
N THR C 209 -8.20 11.08 26.02
CA THR C 209 -9.52 10.54 25.67
C THR C 209 -10.38 11.56 24.94
N ASP C 210 -10.14 12.85 25.14
CA ASP C 210 -10.95 13.85 24.46
C ASP C 210 -10.51 14.02 23.00
N GLU C 211 -9.20 13.97 22.74
CA GLU C 211 -8.72 13.92 21.36
C GLU C 211 -9.27 12.69 20.63
N ALA C 212 -9.17 11.52 21.27
CA ALA C 212 -9.70 10.28 20.70
C ALA C 212 -11.19 10.40 20.41
N LEU C 213 -11.94 10.94 21.36
CA LEU C 213 -13.36 11.23 21.16
C LEU C 213 -13.57 12.05 19.90
N ASP C 214 -12.81 13.13 19.76
CA ASP C 214 -12.95 14.00 18.60
C ASP C 214 -12.69 13.24 17.30
N TYR C 215 -11.64 12.41 17.27
CA TYR C 215 -11.31 11.68 16.04
C TYR C 215 -12.39 10.66 15.68
N ILE C 216 -12.94 9.97 16.67
CA ILE C 216 -14.01 9.04 16.40
C ILE C 216 -15.23 9.79 15.88
N CYS C 217 -15.54 10.96 16.45
CA CYS C 217 -16.69 11.72 15.95
C CYS C 217 -16.45 12.18 14.53
N LYS C 218 -15.22 12.55 14.19
CA LYS C 218 -14.91 12.97 12.82
C LYS C 218 -15.11 11.81 11.84
N LEU C 219 -14.70 10.59 12.22
CA LEU C 219 -14.88 9.45 11.32
C LEU C 219 -16.35 9.05 11.18
N CYS C 220 -17.08 9.00 12.31
CA CYS C 220 -18.54 8.87 12.26
C CYS C 220 -19.15 9.88 11.31
N ALA C 221 -18.64 11.11 11.31
CA ALA C 221 -19.17 12.13 10.41
C ALA C 221 -18.83 11.81 8.96
N SER C 222 -17.61 11.31 8.71
CA SER C 222 -17.21 10.96 7.35
C SER C 222 -18.20 9.97 6.72
N LEU C 223 -18.75 9.05 7.51
CA LEU C 223 -19.78 8.11 7.08
C LEU C 223 -21.19 8.46 7.57
N ASP C 224 -21.41 9.66 8.10
CA ASP C 224 -22.72 10.10 8.58
C ASP C 224 -23.40 9.03 9.45
N ALA C 225 -22.64 8.47 10.39
CA ALA C 225 -23.16 7.44 11.28
C ALA C 225 -23.78 8.07 12.53
N SER C 226 -24.88 7.49 12.99
CA SER C 226 -25.53 7.95 14.22
C SER C 226 -25.31 7.01 15.39
N VAL C 227 -24.87 5.77 15.12
CA VAL C 227 -24.74 4.72 16.11
C VAL C 227 -23.40 4.04 15.92
N ILE C 228 -22.77 3.67 17.03
CA ILE C 228 -21.67 2.71 17.04
C ILE C 228 -22.14 1.47 17.78
N ALA C 229 -22.19 0.35 17.08
CA ALA C 229 -22.64 -0.91 17.66
C ALA C 229 -21.43 -1.77 18.02
N THR C 230 -21.30 -2.06 19.30
CA THR C 230 -20.36 -3.03 19.84
C THR C 230 -21.16 -4.03 20.66
N VAL C 231 -20.46 -5.05 21.15
CA VAL C 231 -21.10 -6.10 21.93
C VAL C 231 -21.04 -5.71 23.41
N LYS C 232 -22.22 -5.55 24.01
CA LYS C 232 -22.32 -5.23 25.43
C LYS C 232 -23.07 -6.29 26.23
N HIS C 233 -24.27 -6.70 25.79
CA HIS C 233 -25.06 -7.65 26.57
C HIS C 233 -24.59 -9.10 26.39
N ASN C 234 -24.02 -9.43 25.24
CA ASN C 234 -23.56 -10.78 24.95
C ASN C 234 -22.05 -10.84 24.85
N LEU C 235 -21.36 -10.12 25.74
CA LEU C 235 -19.90 -10.17 25.77
C LEU C 235 -19.41 -11.58 26.03
N GLU C 236 -20.01 -12.28 26.99
CA GLU C 236 -19.53 -13.60 27.36
C GLU C 236 -19.62 -14.59 26.20
N GLU C 237 -20.65 -14.47 25.36
CA GLU C 237 -20.73 -15.34 24.19
C GLU C 237 -19.62 -15.02 23.20
N LEU C 238 -19.32 -13.73 23.01
CA LEU C 238 -18.31 -13.33 22.04
C LEU C 238 -16.93 -13.81 22.48
N GLU C 239 -16.60 -13.61 23.76
CA GLU C 239 -15.26 -13.94 24.24
C GLU C 239 -15.00 -15.44 24.30
N GLN C 240 -16.00 -16.29 24.04
CA GLN C 240 -15.80 -17.71 23.78
C GLN C 240 -15.74 -18.03 22.29
N VAL C 241 -15.68 -17.02 21.43
CA VAL C 241 -15.57 -17.22 19.99
C VAL C 241 -14.22 -16.72 19.47
N VAL C 242 -13.88 -15.47 19.78
CA VAL C 242 -12.58 -14.90 19.42
C VAL C 242 -11.85 -14.54 20.70
N TYR C 243 -10.67 -15.14 20.90
CA TYR C 243 -9.85 -14.94 22.07
C TYR C 243 -8.71 -13.97 21.74
N LYS C 244 -8.22 -13.27 22.77
CA LYS C 244 -7.13 -12.31 22.58
C LYS C 244 -5.78 -13.01 22.78
N PRO C 245 -4.98 -13.18 21.73
CA PRO C 245 -3.67 -13.80 21.91
C PRO C 245 -2.79 -13.00 22.85
N GLN C 246 -1.99 -13.71 23.65
CA GLN C 246 -1.06 -13.04 24.56
C GLN C 246 0.19 -12.56 23.83
N LYS C 247 0.55 -11.28 24.08
CA LYS C 247 1.69 -10.59 23.49
C LYS C 247 2.96 -10.71 24.33
N PHE C 248 4.11 -10.67 23.65
CA PHE C 248 5.41 -10.72 24.28
C PHE C 248 6.39 -9.85 23.52
N PHE C 249 7.18 -9.07 24.26
CA PHE C 249 8.20 -8.20 23.69
C PHE C 249 9.58 -8.77 23.96
N ARG C 250 10.40 -8.87 22.92
CA ARG C 250 11.77 -9.33 23.09
C ARG C 250 12.70 -8.20 22.67
N LYS C 251 13.09 -7.38 23.64
CA LYS C 251 14.18 -6.45 23.40
C LYS C 251 15.49 -7.21 23.40
N VAL C 252 16.25 -7.05 22.32
CA VAL C 252 17.63 -7.55 22.21
C VAL C 252 18.49 -6.40 21.69
N GLU C 253 19.80 -6.60 21.68
CA GLU C 253 20.69 -5.54 21.22
C GLU C 253 21.46 -5.97 19.97
N SER C 254 21.99 -4.97 19.25
CA SER C 254 22.56 -5.18 17.92
C SER C 254 23.89 -5.94 17.99
N ARG C 255 24.46 -6.21 16.82
CA ARG C 255 25.70 -6.97 16.74
C ARG C 255 26.81 -6.32 17.53
N ILE C 256 27.45 -7.13 18.38
CA ILE C 256 28.61 -6.69 19.14
C ILE C 256 29.75 -6.29 18.21
N SER C 257 29.95 -7.06 17.14
CA SER C 257 31.14 -7.07 16.30
C SER C 257 30.69 -6.83 14.85
N ASP C 258 31.28 -5.83 14.15
CA ASP C 258 30.82 -5.44 12.80
C ASP C 258 32.00 -5.46 11.82
N LYS C 259 32.33 -6.65 11.27
CA LYS C 259 33.49 -6.75 10.37
C LYS C 259 33.13 -6.22 8.98
N PHE C 260 32.10 -6.83 8.41
CA PHE C 260 31.36 -6.31 7.29
C PHE C 260 31.25 -4.79 7.34
N LYS C 261 30.78 -4.24 8.46
CA LYS C 261 30.54 -2.80 8.49
C LYS C 261 31.84 -2.01 8.32
N TYR C 262 32.93 -2.44 8.97
CA TYR C 262 34.22 -1.79 8.73
C TYR C 262 34.50 -1.71 7.23
N ILE C 263 34.60 -2.86 6.58
CA ILE C 263 35.10 -2.88 5.20
C ILE C 263 34.11 -2.23 4.24
N ILE C 264 32.79 -2.40 4.49
CA ILE C 264 31.80 -1.77 3.63
C ILE C 264 31.86 -0.25 3.76
N ALA C 265 31.95 0.26 5.00
CA ALA C 265 32.15 1.69 5.20
C ALA C 265 33.31 2.19 4.36
N GLN C 266 34.40 1.43 4.34
CA GLN C 266 35.57 1.86 3.57
C GLN C 266 35.25 1.89 2.08
N LEU C 267 34.48 0.90 1.60
CA LEU C 267 33.98 0.94 0.22
C LEU C 267 33.15 2.20 -0.04
N MET C 268 32.28 2.55 0.92
CA MET C 268 31.46 3.74 0.80
C MET C 268 32.32 4.97 0.56
N ARG C 269 33.26 5.25 1.46
CA ARG C 269 33.99 6.49 1.32
C ARG C 269 34.92 6.46 0.11
N ASP C 270 35.28 5.28 -0.40
CA ASP C 270 35.93 5.22 -1.70
C ASP C 270 35.02 5.75 -2.82
N THR C 271 33.83 5.17 -2.93
CA THR C 271 32.92 5.60 -4.00
C THR C 271 32.57 7.08 -3.86
N GLU C 272 32.46 7.56 -2.63
CA GLU C 272 32.11 8.96 -2.45
C GLU C 272 33.31 9.87 -2.67
N SER C 273 34.54 9.36 -2.53
CA SER C 273 35.69 10.09 -3.04
C SER C 273 35.64 10.21 -4.55
N LEU C 274 35.09 9.21 -5.25
CA LEU C 274 34.90 9.34 -6.69
C LEU C 274 33.87 10.43 -7.00
N ALA C 275 32.76 10.41 -6.26
CA ALA C 275 31.82 11.53 -6.30
C ALA C 275 32.56 12.85 -6.16
N LYS C 276 33.44 12.94 -5.16
CA LYS C 276 34.20 14.17 -4.96
C LYS C 276 35.08 14.48 -6.17
N ARG C 277 35.59 13.45 -6.86
CA ARG C 277 36.50 13.72 -7.97
C ARG C 277 35.75 14.43 -9.10
N ILE C 278 34.48 14.10 -9.34
CA ILE C 278 33.82 14.89 -10.39
C ILE C 278 32.89 15.94 -9.82
N CYS C 279 32.06 15.57 -8.85
CA CYS C 279 31.07 16.50 -8.35
C CYS C 279 31.72 17.63 -7.52
N LYS C 280 32.67 17.30 -6.65
CA LYS C 280 33.40 18.21 -5.73
C LYS C 280 32.46 19.07 -4.87
N ASP C 281 31.18 18.70 -4.69
CA ASP C 281 30.25 19.53 -3.94
C ASP C 281 29.50 18.69 -2.91
N LEU C 282 29.49 19.16 -1.66
CA LEU C 282 28.76 18.51 -0.56
C LEU C 282 27.31 18.21 -0.94
N ASN C 290 27.15 16.04 9.69
CA ASN C 290 26.04 15.12 9.87
C ASN C 290 25.98 14.06 8.76
N ARG C 291 26.86 13.06 8.80
CA ARG C 291 26.74 11.93 7.91
C ARG C 291 26.95 10.62 8.65
N GLU C 292 25.94 9.77 8.61
CA GLU C 292 25.94 8.47 9.24
C GLU C 292 25.70 7.41 8.16
N PHE C 293 26.56 6.39 8.12
CA PHE C 293 26.59 5.45 7.01
C PHE C 293 25.80 4.20 7.37
N GLY C 294 24.57 4.13 6.87
CA GLY C 294 23.72 2.98 7.11
C GLY C 294 22.30 3.27 7.63
N THR C 295 21.84 4.53 7.50
CA THR C 295 20.61 4.99 8.12
C THR C 295 19.46 4.91 7.13
N GLN C 296 18.45 5.71 7.41
CA GLN C 296 17.60 6.24 6.35
C GLN C 296 17.84 7.73 6.15
N LYS C 297 18.55 8.36 7.07
CA LYS C 297 19.38 9.50 6.77
C LYS C 297 20.05 9.34 5.44
N TYR C 298 20.89 8.30 5.38
CA TYR C 298 21.89 8.13 4.32
C TYR C 298 21.24 7.95 2.94
N GLU C 299 20.16 7.17 2.91
CA GLU C 299 19.47 6.92 1.66
C GLU C 299 18.73 8.17 1.20
N GLN C 300 18.19 8.95 2.14
CA GLN C 300 17.59 10.22 1.72
C GLN C 300 18.66 11.19 1.21
N TRP C 301 19.84 11.19 1.85
CA TRP C 301 20.93 12.00 1.33
C TRP C 301 21.32 11.58 -0.08
N ILE C 302 21.38 10.28 -0.34
CA ILE C 302 21.87 9.83 -1.63
C ILE C 302 20.81 10.05 -2.70
N VAL C 303 19.53 9.87 -2.36
CA VAL C 303 18.46 10.25 -3.26
C VAL C 303 18.55 11.75 -3.56
N THR C 304 18.95 12.54 -2.57
CA THR C 304 19.15 13.97 -2.80
C THR C 304 20.37 14.27 -3.68
N VAL C 305 21.44 13.50 -3.56
CA VAL C 305 22.61 13.79 -4.40
C VAL C 305 22.28 13.49 -5.86
N GLN C 306 21.58 12.38 -6.12
CA GLN C 306 21.10 12.16 -7.48
C GLN C 306 20.17 13.28 -7.90
N LYS C 307 19.15 13.57 -7.10
CA LYS C 307 18.13 14.57 -7.44
C LYS C 307 18.72 15.96 -7.70
N ALA C 308 19.91 16.26 -7.16
CA ALA C 308 20.57 17.54 -7.38
C ALA C 308 21.58 17.51 -8.52
N CYS C 309 21.96 16.34 -9.00
CA CYS C 309 23.04 16.18 -9.97
C CYS C 309 22.53 15.86 -11.37
N MET C 310 21.23 15.93 -11.58
CA MET C 310 20.65 15.72 -12.89
C MET C 310 20.42 17.04 -13.60
N VAL C 311 21.17 18.05 -13.16
CA VAL C 311 21.12 19.36 -13.77
C VAL C 311 22.55 19.82 -14.00
N PHE C 312 23.51 18.88 -13.99
CA PHE C 312 24.90 19.22 -14.30
C PHE C 312 24.96 19.67 -15.76
N GLN C 313 25.06 20.99 -15.98
CA GLN C 313 24.94 21.57 -17.32
C GLN C 313 26.28 22.19 -17.72
N MET C 314 26.94 21.61 -18.71
CA MET C 314 28.22 22.15 -19.16
C MET C 314 28.05 22.82 -20.51
N PRO C 315 29.12 23.41 -21.08
CA PRO C 315 29.10 23.73 -22.51
C PRO C 315 29.21 22.48 -23.37
N ASP C 316 30.13 21.58 -23.04
CA ASP C 316 30.17 20.31 -23.72
C ASP C 316 28.98 19.46 -23.28
N LYS C 317 28.42 18.70 -24.23
CA LYS C 317 27.28 17.84 -23.90
C LYS C 317 27.62 16.35 -23.89
N ASP C 318 28.63 15.92 -24.64
CA ASP C 318 29.03 14.52 -24.66
C ASP C 318 29.64 14.10 -23.34
N GLU C 319 30.73 14.76 -22.93
CA GLU C 319 31.40 14.39 -21.69
C GLU C 319 30.56 14.72 -20.48
N GLU C 320 29.62 15.65 -20.59
CA GLU C 320 28.73 15.91 -19.47
C GLU C 320 27.72 14.78 -19.28
N SER C 321 27.11 14.29 -20.36
CA SER C 321 26.30 13.07 -20.26
C SER C 321 27.09 11.98 -19.58
N ARG C 322 28.33 11.73 -20.03
CA ARG C 322 28.98 10.59 -19.40
C ARG C 322 29.52 10.88 -17.99
N ILE C 323 29.82 12.14 -17.59
CA ILE C 323 30.21 12.37 -16.19
C ILE C 323 28.98 12.28 -15.29
N CYS C 324 27.88 12.91 -15.68
CA CYS C 324 26.67 12.85 -14.88
C CYS C 324 26.22 11.41 -14.72
N LYS C 325 26.51 10.54 -15.69
CA LYS C 325 26.07 9.17 -15.46
C LYS C 325 27.11 8.31 -14.77
N ALA C 326 28.40 8.62 -14.90
CA ALA C 326 29.35 8.13 -13.91
C ALA C 326 28.80 8.36 -12.50
N LEU C 327 28.23 9.53 -12.27
CA LEU C 327 27.83 9.83 -10.91
C LEU C 327 26.45 9.26 -10.54
N PHE C 328 25.47 9.25 -11.47
CA PHE C 328 24.25 8.48 -11.24
C PHE C 328 24.59 7.05 -10.86
N LEU C 329 25.56 6.46 -11.55
CA LEU C 329 25.94 5.09 -11.23
C LEU C 329 26.60 5.01 -9.85
N TYR C 330 27.48 5.95 -9.54
CA TYR C 330 28.13 5.93 -8.22
C TYR C 330 27.11 5.98 -7.11
N THR C 331 26.08 6.80 -7.29
CA THR C 331 25.07 6.91 -6.25
C THR C 331 24.14 5.71 -6.23
N SER C 332 23.80 5.13 -7.38
CA SER C 332 23.00 3.91 -7.37
C SER C 332 23.73 2.80 -6.63
N HIS C 333 25.03 2.66 -6.89
CA HIS C 333 25.83 1.67 -6.20
C HIS C 333 26.01 2.01 -4.74
N LEU C 334 26.07 3.29 -4.38
CA LEU C 334 26.16 3.64 -2.96
C LEU C 334 24.84 3.36 -2.25
N ARG C 335 23.72 3.55 -2.94
CA ARG C 335 22.42 3.20 -2.37
C ARG C 335 22.33 1.71 -2.11
N LYS C 336 22.74 0.91 -3.09
CA LYS C 336 22.67 -0.53 -2.87
C LYS C 336 23.89 -1.06 -2.12
N TYR C 337 24.84 -0.20 -1.78
CA TYR C 337 25.79 -0.51 -0.75
C TYR C 337 25.15 -0.35 0.61
N ASN C 338 24.45 0.77 0.81
CA ASN C 338 23.84 1.04 2.12
C ASN C 338 22.84 -0.05 2.47
N ASP C 339 21.91 -0.35 1.55
CA ASP C 339 20.89 -1.32 1.92
C ASP C 339 21.49 -2.63 2.43
N ALA C 340 22.57 -3.08 1.77
CA ALA C 340 23.27 -4.30 2.18
C ALA C 340 23.58 -4.32 3.68
N LEU C 341 23.98 -3.17 4.24
CA LEU C 341 24.31 -3.18 5.67
C LEU C 341 23.07 -3.11 6.56
N ILE C 342 21.96 -2.55 6.08
CA ILE C 342 20.74 -2.64 6.88
C ILE C 342 20.23 -4.07 6.92
N ILE C 343 20.38 -4.78 5.79
CA ILE C 343 20.10 -6.22 5.78
C ILE C 343 21.07 -6.95 6.70
N SER C 344 22.33 -6.52 6.74
CA SER C 344 23.29 -7.07 7.68
C SER C 344 22.80 -6.92 9.13
N GLU C 345 22.27 -5.74 9.47
CA GLU C 345 21.79 -5.52 10.82
C GLU C 345 20.59 -6.42 11.13
N HIS C 346 19.67 -6.57 10.16
CA HIS C 346 18.44 -7.30 10.44
C HIS C 346 18.53 -8.80 10.14
N ALA C 347 19.60 -9.29 9.53
CA ALA C 347 19.64 -10.72 9.18
C ALA C 347 21.08 -11.20 9.22
N ARG C 348 21.34 -12.34 8.57
CA ARG C 348 22.70 -12.81 8.34
C ARG C 348 23.45 -11.81 7.47
N MET C 349 24.75 -11.99 7.39
CA MET C 349 25.51 -11.28 6.38
C MET C 349 25.75 -12.11 5.13
N LYS C 350 25.71 -13.45 5.21
CA LYS C 350 25.69 -14.26 3.99
C LYS C 350 24.51 -13.88 3.11
N ASP C 351 23.40 -13.46 3.72
CA ASP C 351 22.24 -13.08 2.93
C ASP C 351 22.46 -11.73 2.25
N ALA C 352 23.02 -10.75 2.96
CA ALA C 352 23.35 -9.48 2.33
C ALA C 352 24.38 -9.67 1.22
N LEU C 353 25.34 -10.57 1.44
CA LEU C 353 26.34 -10.89 0.44
C LEU C 353 25.69 -11.47 -0.81
N ASP C 354 24.82 -12.48 -0.65
CA ASP C 354 24.08 -13.03 -1.79
C ASP C 354 23.25 -11.95 -2.47
N TYR C 355 22.74 -10.99 -1.70
CA TYR C 355 21.95 -9.89 -2.26
C TYR C 355 22.77 -9.03 -3.21
N LEU C 356 23.98 -8.64 -2.81
CA LEU C 356 24.70 -7.77 -3.74
C LEU C 356 25.53 -8.54 -4.77
N LYS C 357 25.79 -9.84 -4.57
CA LYS C 357 26.23 -10.65 -5.70
C LYS C 357 25.13 -10.75 -6.77
N ASP C 358 23.87 -10.85 -6.35
CA ASP C 358 22.76 -10.74 -7.29
C ASP C 358 22.72 -9.35 -7.95
N PHE C 359 22.96 -8.30 -7.16
CA PHE C 359 23.08 -6.94 -7.70
C PHE C 359 24.09 -6.88 -8.84
N PHE C 360 25.27 -7.44 -8.62
CA PHE C 360 26.32 -7.30 -9.61
C PHE C 360 26.09 -8.19 -10.82
N SER C 361 25.49 -9.37 -10.63
CA SER C 361 25.03 -10.15 -11.79
C SER C 361 23.95 -9.40 -12.57
N ASN C 362 23.09 -8.66 -11.87
CA ASN C 362 22.09 -7.81 -12.52
C ASN C 362 22.76 -6.78 -13.42
N VAL C 363 23.65 -5.97 -12.86
CA VAL C 363 24.23 -4.87 -13.63
C VAL C 363 25.26 -5.35 -14.65
N ARG C 364 25.74 -6.59 -14.52
CA ARG C 364 26.66 -7.15 -15.51
C ARG C 364 25.98 -7.22 -16.89
N ALA C 365 24.69 -7.55 -16.92
CA ALA C 365 23.95 -7.67 -18.17
C ALA C 365 23.44 -6.35 -18.70
N ALA C 366 23.78 -5.22 -18.06
CA ALA C 366 23.35 -3.91 -18.54
C ALA C 366 24.41 -3.24 -19.42
N GLY C 367 25.37 -4.00 -19.93
CA GLY C 367 26.49 -3.46 -20.67
C GLY C 367 27.74 -3.37 -19.80
N PHE C 368 28.87 -3.12 -20.47
CA PHE C 368 30.17 -3.01 -19.82
C PHE C 368 30.89 -1.78 -20.33
N ASP C 369 31.23 -0.87 -19.41
CA ASP C 369 32.14 0.25 -19.65
C ASP C 369 33.40 0.06 -18.81
N GLU C 370 34.22 1.10 -18.77
CA GLU C 370 35.29 1.17 -17.76
C GLU C 370 34.70 1.24 -16.35
N ILE C 371 33.54 1.90 -16.20
CA ILE C 371 32.97 2.11 -14.87
C ILE C 371 32.56 0.79 -14.23
N GLU C 372 31.89 -0.09 -14.98
CA GLU C 372 31.43 -1.37 -14.45
C GLU C 372 32.61 -2.19 -13.97
N GLN C 373 33.55 -2.46 -14.86
CA GLN C 373 34.72 -3.28 -14.54
C GLN C 373 35.48 -2.69 -13.37
N ASP C 374 35.56 -1.37 -13.30
CA ASP C 374 36.30 -0.72 -12.22
C ASP C 374 35.66 -0.97 -10.85
N LEU C 375 34.40 -0.57 -10.69
CA LEU C 375 33.70 -0.79 -9.42
C LEU C 375 33.69 -2.27 -9.05
N THR C 376 33.25 -3.10 -10.00
CA THR C 376 33.17 -4.54 -9.75
C THR C 376 34.54 -5.12 -9.45
N GLN C 377 35.63 -4.52 -9.94
CA GLN C 377 36.93 -5.12 -9.73
C GLN C 377 37.48 -4.80 -8.34
N ARG C 378 37.21 -3.60 -7.82
CA ARG C 378 37.50 -3.41 -6.40
C ARG C 378 36.63 -4.33 -5.54
N PHE C 379 35.38 -4.57 -5.96
CA PHE C 379 34.61 -5.62 -5.31
C PHE C 379 35.40 -6.93 -5.30
N GLU C 380 35.79 -7.43 -6.48
CA GLU C 380 36.50 -8.71 -6.53
C GLU C 380 37.61 -8.75 -5.50
N GLU C 381 38.39 -7.67 -5.43
CA GLU C 381 39.45 -7.60 -4.43
C GLU C 381 38.92 -7.93 -3.03
N LYS C 382 37.85 -7.25 -2.62
CA LYS C 382 37.38 -7.46 -1.25
C LYS C 382 36.67 -8.81 -1.07
N LEU C 383 36.04 -9.34 -2.13
CA LEU C 383 35.07 -10.45 -2.08
C LEU C 383 35.47 -11.64 -1.21
N GLN C 384 36.74 -12.03 -1.25
CA GLN C 384 37.08 -13.32 -0.65
C GLN C 384 37.29 -13.21 0.86
N GLU C 385 38.05 -12.19 1.29
CA GLU C 385 38.01 -11.80 2.69
C GLU C 385 36.58 -11.56 3.13
N LEU C 386 35.74 -11.05 2.22
CA LEU C 386 34.34 -10.77 2.55
C LEU C 386 33.60 -12.05 2.93
N GLU C 387 33.61 -13.04 2.03
CA GLU C 387 32.97 -14.33 2.36
C GLU C 387 33.54 -14.92 3.64
N SER C 388 34.87 -14.98 3.72
CA SER C 388 35.49 -15.51 4.93
C SER C 388 34.95 -14.82 6.18
N VAL C 389 34.67 -13.52 6.07
CA VAL C 389 33.98 -12.81 7.14
C VAL C 389 32.57 -13.38 7.35
N SER C 390 31.79 -13.47 6.27
CA SER C 390 30.38 -13.82 6.38
C SER C 390 30.18 -15.21 6.97
N ARG C 391 30.86 -16.22 6.41
CA ARG C 391 30.66 -17.60 6.82
C ARG C 391 31.67 -17.99 7.90
N ASP C 392 31.42 -17.49 9.11
CA ASP C 392 32.07 -18.03 10.28
C ASP C 392 31.06 -17.95 11.43
N PRO C 393 30.77 -19.09 12.08
CA PRO C 393 29.77 -19.10 13.16
C PRO C 393 30.00 -18.05 14.23
N SER C 394 31.24 -17.57 14.37
CA SER C 394 31.57 -16.42 15.23
C SER C 394 30.52 -15.32 15.17
N ASN C 395 30.04 -15.06 13.97
CA ASN C 395 29.24 -13.88 13.67
C ASN C 395 27.79 -14.32 13.46
N GLU C 396 26.96 -14.13 14.49
CA GLU C 396 25.53 -14.36 14.34
C GLU C 396 24.76 -13.19 14.93
N ASN C 397 23.86 -12.65 14.14
CA ASN C 397 22.91 -11.65 14.60
C ASN C 397 22.11 -12.24 15.76
N PRO C 398 22.28 -11.69 16.97
CA PRO C 398 21.52 -12.23 18.11
C PRO C 398 20.01 -12.24 17.90
N LYS C 399 19.50 -11.35 17.04
CA LYS C 399 18.09 -11.42 16.67
C LYS C 399 17.76 -12.77 16.07
N LEU C 400 18.62 -13.27 15.18
CA LEU C 400 18.34 -14.53 14.50
C LEU C 400 18.37 -15.70 15.47
N GLU C 401 19.31 -15.69 16.42
CA GLU C 401 19.37 -16.78 17.38
C GLU C 401 18.23 -16.71 18.39
N ASP C 402 17.75 -15.51 18.72
CA ASP C 402 16.55 -15.42 19.55
C ASP C 402 15.32 -15.94 18.80
N LEU C 403 15.23 -15.65 17.50
CA LEU C 403 14.08 -16.15 16.75
C LEU C 403 14.13 -17.67 16.60
N CYS C 404 15.32 -18.21 16.32
CA CYS C 404 15.53 -19.65 16.38
C CYS C 404 15.09 -20.22 17.73
N PHE C 405 15.43 -19.54 18.83
CA PHE C 405 15.04 -19.96 20.17
C PHE C 405 13.52 -20.07 20.28
N ILE C 406 12.82 -18.99 19.93
CA ILE C 406 11.37 -18.97 20.00
C ILE C 406 10.77 -20.12 19.21
N LEU C 407 11.23 -20.29 17.97
CA LEU C 407 10.65 -21.32 17.11
C LEU C 407 10.89 -22.70 17.70
N GLN C 408 12.12 -22.97 18.12
CA GLN C 408 12.45 -24.24 18.75
C GLN C 408 11.50 -24.53 19.91
N GLU C 409 11.25 -23.53 20.75
CA GLU C 409 10.37 -23.75 21.91
C GLU C 409 8.95 -24.06 21.48
N GLU C 410 8.39 -23.22 20.59
CA GLU C 410 6.99 -23.40 20.23
C GLU C 410 6.76 -24.73 19.53
N TYR C 411 7.69 -25.17 18.69
CA TYR C 411 7.50 -26.44 18.02
C TYR C 411 7.88 -27.65 18.87
N HIS C 412 8.76 -27.48 19.88
CA HIS C 412 8.97 -28.57 20.82
C HIS C 412 7.71 -28.83 21.62
N LEU C 413 7.03 -27.76 22.03
CA LEU C 413 5.83 -27.91 22.85
C LEU C 413 4.60 -28.25 22.02
N ASN C 414 4.55 -27.81 20.76
CA ASN C 414 3.48 -28.16 19.84
C ASN C 414 4.06 -28.38 18.46
N PRO C 415 4.32 -29.62 18.08
CA PRO C 415 4.88 -29.90 16.73
C PRO C 415 3.96 -29.52 15.59
N GLU C 416 2.69 -29.21 15.85
CA GLU C 416 1.72 -28.84 14.83
C GLU C 416 1.46 -27.33 14.80
N THR C 417 2.37 -26.53 15.35
CA THR C 417 2.18 -25.09 15.36
C THR C 417 2.30 -24.54 13.95
N ILE C 418 1.41 -23.62 13.59
CA ILE C 418 1.47 -22.91 12.32
C ILE C 418 1.88 -21.47 12.61
N THR C 419 3.03 -21.07 12.07
CA THR C 419 3.64 -19.79 12.38
C THR C 419 3.46 -18.82 11.22
N ILE C 420 3.55 -17.54 11.52
CA ILE C 420 3.62 -16.50 10.51
C ILE C 420 4.50 -15.37 11.05
N LEU C 421 5.38 -14.87 10.18
CA LEU C 421 6.49 -14.00 10.58
C LEU C 421 6.48 -12.77 9.69
N PHE C 422 6.37 -11.59 10.30
CA PHE C 422 6.18 -10.34 9.58
C PHE C 422 7.47 -9.54 9.58
N VAL C 423 8.06 -9.36 8.41
CA VAL C 423 9.25 -8.55 8.24
C VAL C 423 8.86 -7.28 7.50
N LYS C 424 9.81 -6.34 7.39
CA LYS C 424 9.52 -5.02 6.84
C LYS C 424 9.83 -4.92 5.35
N THR C 425 11.04 -5.30 4.93
CA THR C 425 11.41 -5.22 3.53
C THR C 425 11.27 -6.59 2.87
N ARG C 426 10.95 -6.60 1.57
CA ARG C 426 10.88 -7.87 0.89
C ARG C 426 12.26 -8.42 0.51
N ALA C 427 13.35 -7.70 0.78
CA ALA C 427 14.62 -8.39 0.81
C ALA C 427 14.68 -9.32 2.03
N LEU C 428 14.20 -8.85 3.17
CA LEU C 428 14.29 -9.64 4.39
C LEU C 428 13.49 -10.93 4.28
N VAL C 429 12.42 -10.97 3.48
CA VAL C 429 11.57 -12.16 3.45
C VAL C 429 12.33 -13.36 2.86
N ASP C 430 12.94 -13.20 1.67
CA ASP C 430 13.67 -14.33 1.13
C ASP C 430 15.03 -14.52 1.81
N ALA C 431 15.58 -13.49 2.46
CA ALA C 431 16.74 -13.72 3.33
C ALA C 431 16.39 -14.67 4.48
N LEU C 432 15.31 -14.37 5.21
CA LEU C 432 14.90 -15.20 6.32
C LEU C 432 14.55 -16.61 5.86
N LYS C 433 13.88 -16.74 4.72
CA LYS C 433 13.53 -18.07 4.20
C LYS C 433 14.77 -18.91 3.89
N ASN C 434 15.73 -18.30 3.17
CA ASN C 434 16.96 -19.01 2.88
C ASN C 434 17.68 -19.41 4.16
N TRP C 435 17.61 -18.57 5.19
CA TRP C 435 18.25 -18.90 6.45
C TRP C 435 17.55 -20.06 7.15
N ILE C 436 16.21 -20.05 7.15
CA ILE C 436 15.44 -21.14 7.75
C ILE C 436 15.83 -22.47 7.14
N GLU C 437 15.94 -22.53 5.82
CA GLU C 437 16.35 -23.79 5.22
C GLU C 437 17.82 -24.07 5.51
N GLY C 438 18.65 -23.02 5.44
CA GLY C 438 20.07 -23.17 5.65
C GLY C 438 20.49 -23.37 7.08
N ASN C 439 19.70 -22.93 8.04
CA ASN C 439 20.03 -23.25 9.42
C ASN C 439 19.45 -24.60 9.79
N PRO C 440 20.30 -25.58 10.20
CA PRO C 440 19.81 -26.94 10.38
C PRO C 440 19.04 -27.16 11.67
N LYS C 441 19.16 -26.25 12.64
CA LYS C 441 18.42 -26.39 13.88
C LYS C 441 16.93 -26.51 13.64
N LEU C 442 16.44 -25.97 12.54
CA LEU C 442 15.01 -25.88 12.30
C LEU C 442 14.62 -26.67 11.07
N SER C 443 15.27 -27.83 10.94
CA SER C 443 14.91 -28.90 10.02
C SER C 443 13.41 -29.02 9.88
N PHE C 444 12.73 -29.00 11.02
CA PHE C 444 11.29 -29.18 11.09
C PHE C 444 10.50 -28.03 10.49
N LEU C 445 11.14 -26.94 10.08
CA LEU C 445 10.42 -25.85 9.44
C LEU C 445 10.43 -26.06 7.94
N LYS C 446 9.26 -25.90 7.34
CA LYS C 446 9.13 -25.85 5.89
C LYS C 446 8.42 -24.55 5.53
N PRO C 447 9.15 -23.53 5.09
CA PRO C 447 8.55 -22.20 4.96
C PRO C 447 7.84 -21.93 3.64
N GLY C 448 6.96 -20.94 3.68
CA GLY C 448 6.27 -20.46 2.50
C GLY C 448 6.10 -18.96 2.55
N ILE C 449 6.05 -18.33 1.38
CA ILE C 449 6.04 -16.88 1.27
C ILE C 449 4.65 -16.37 0.88
N LEU C 450 4.44 -15.08 1.12
CA LEU C 450 3.37 -14.35 0.45
C LEU C 450 3.74 -12.87 0.47
N THR C 451 3.65 -12.23 -0.69
CA THR C 451 4.00 -10.82 -0.85
C THR C 451 2.96 -10.19 -1.79
N GLY C 452 3.26 -9.00 -2.30
CA GLY C 452 2.39 -8.35 -3.25
C GLY C 452 2.98 -8.17 -4.64
N ASP C 479 -0.47 -27.60 3.94
CA ASP C 479 0.96 -27.82 3.75
C ASP C 479 1.83 -27.17 4.83
N HIS C 480 1.92 -25.85 4.80
CA HIS C 480 3.09 -25.15 5.32
C HIS C 480 3.15 -25.03 6.84
N ASN C 481 4.38 -24.92 7.34
CA ASN C 481 4.67 -24.75 8.75
C ASN C 481 4.61 -23.29 9.17
N ILE C 482 5.09 -22.41 8.30
CA ILE C 482 5.43 -21.04 8.70
C ILE C 482 5.42 -20.19 7.44
N LEU C 483 4.80 -19.01 7.55
CA LEU C 483 4.68 -18.08 6.42
C LEU C 483 5.48 -16.81 6.71
N ILE C 484 6.30 -16.39 5.74
CA ILE C 484 7.06 -15.15 5.84
C ILE C 484 6.36 -14.09 4.99
N ALA C 485 6.21 -12.89 5.54
CA ALA C 485 5.28 -11.92 4.98
C ALA C 485 5.72 -10.51 5.34
N THR C 486 5.28 -9.54 4.53
CA THR C 486 5.58 -8.14 4.79
C THR C 486 4.47 -7.43 5.56
N SER C 487 3.28 -7.36 4.96
CA SER C 487 2.13 -6.69 5.54
C SER C 487 0.92 -7.03 4.68
N VAL C 488 -0.21 -7.26 5.32
CA VAL C 488 -1.44 -7.62 4.63
C VAL C 488 -2.44 -6.52 4.94
N ALA C 489 -3.03 -5.94 3.88
CA ALA C 489 -3.64 -4.61 3.96
C ALA C 489 -4.58 -4.45 5.15
N ASP C 490 -5.70 -5.16 5.13
CA ASP C 490 -6.74 -5.01 6.13
C ASP C 490 -7.39 -6.38 6.21
N GLU C 491 -8.06 -6.68 7.33
CA GLU C 491 -7.99 -8.00 7.96
C GLU C 491 -7.66 -9.11 6.98
N GLY C 492 -8.43 -9.23 5.92
CA GLY C 492 -8.11 -10.15 4.85
C GLY C 492 -9.16 -11.23 4.72
N ILE C 493 -9.01 -12.02 3.67
CA ILE C 493 -9.86 -13.17 3.42
C ILE C 493 -9.35 -14.34 4.26
N ASP C 494 -10.20 -15.38 4.38
CA ASP C 494 -9.91 -16.62 5.09
C ASP C 494 -8.42 -16.95 5.09
N ILE C 495 -7.91 -17.29 6.26
CA ILE C 495 -6.54 -17.76 6.36
C ILE C 495 -6.53 -18.84 7.43
N ALA C 496 -5.75 -19.89 7.16
CA ALA C 496 -5.41 -20.85 8.18
C ALA C 496 -5.12 -20.14 9.49
N GLN C 497 -5.77 -20.61 10.54
CA GLN C 497 -5.51 -20.12 11.88
C GLN C 497 -4.06 -20.38 12.24
N CYS C 498 -3.30 -19.30 12.43
CA CYS C 498 -1.97 -19.39 13.00
C CYS C 498 -2.04 -19.29 14.52
N ASN C 499 -1.26 -20.12 15.20
CA ASN C 499 -1.19 -20.03 16.65
C ASN C 499 0.11 -19.40 17.13
N LEU C 500 0.97 -18.96 16.22
CA LEU C 500 2.19 -18.23 16.58
C LEU C 500 2.46 -17.20 15.52
N VAL C 501 2.46 -15.92 15.88
CA VAL C 501 2.81 -14.86 14.96
C VAL C 501 3.95 -14.07 15.59
N ILE C 502 4.96 -13.75 14.78
CA ILE C 502 6.12 -13.02 15.27
C ILE C 502 6.32 -11.81 14.39
N LEU C 503 6.59 -10.69 15.01
CA LEU C 503 6.79 -9.42 14.31
C LEU C 503 8.27 -9.07 14.46
N TYR C 504 9.01 -9.16 13.36
CA TYR C 504 10.46 -9.02 13.36
C TYR C 504 10.81 -7.62 12.88
N GLU C 505 11.34 -6.80 13.81
CA GLU C 505 11.57 -5.37 13.59
C GLU C 505 10.35 -4.74 12.93
N TYR C 506 9.22 -4.85 13.61
CA TYR C 506 7.93 -4.44 13.08
C TYR C 506 7.44 -3.16 13.75
N VAL C 507 6.95 -2.21 12.94
CA VAL C 507 6.25 -1.03 13.41
C VAL C 507 4.91 -0.96 12.68
N GLY C 508 3.89 -0.43 13.34
CA GLY C 508 2.58 -0.34 12.71
C GLY C 508 1.65 0.55 13.51
N ASN C 509 0.41 0.65 13.02
CA ASN C 509 -0.64 1.43 13.64
C ASN C 509 -1.52 0.55 14.54
N VAL C 510 -2.55 1.16 15.12
CA VAL C 510 -3.41 0.44 16.06
C VAL C 510 -4.37 -0.51 15.34
N ILE C 511 -4.91 -0.09 14.20
CA ILE C 511 -5.85 -0.93 13.47
C ILE C 511 -5.17 -2.21 13.00
N LYS C 512 -3.97 -2.10 12.41
CA LYS C 512 -3.21 -3.31 12.06
C LYS C 512 -2.99 -4.21 13.29
N MET C 513 -2.85 -3.61 14.48
CA MET C 513 -2.63 -4.40 15.68
C MET C 513 -3.88 -5.21 16.05
N ILE C 514 -5.04 -4.54 16.14
CA ILE C 514 -6.33 -5.21 16.33
C ILE C 514 -6.51 -6.33 15.29
N GLN C 515 -6.16 -6.05 14.04
CA GLN C 515 -6.49 -7.01 13.00
C GLN C 515 -5.59 -8.21 13.05
N THR C 516 -4.31 -8.01 13.37
CA THR C 516 -3.39 -9.13 13.43
C THR C 516 -3.84 -10.18 14.45
N ARG C 517 -4.64 -9.79 15.45
CA ARG C 517 -5.16 -10.77 16.41
C ARG C 517 -6.05 -11.82 15.75
N GLY C 518 -6.62 -11.53 14.59
CA GLY C 518 -7.49 -12.48 13.92
C GLY C 518 -6.77 -13.66 13.31
N ARG C 519 -5.44 -13.62 13.21
CA ARG C 519 -4.67 -14.81 12.84
C ARG C 519 -4.78 -15.89 13.91
N GLY C 520 -4.86 -15.49 15.19
CA GLY C 520 -4.85 -16.34 16.36
C GLY C 520 -6.12 -16.28 17.19
N ARG C 521 -7.27 -16.42 16.53
CA ARG C 521 -8.55 -16.38 17.24
C ARG C 521 -8.62 -17.37 18.40
N ALA C 522 -8.01 -18.55 18.25
CA ALA C 522 -8.17 -19.63 19.22
C ALA C 522 -7.45 -19.34 20.53
N ARG C 523 -7.97 -19.91 21.62
CA ARG C 523 -7.34 -19.74 22.93
C ARG C 523 -5.93 -20.33 22.90
N GLY C 524 -5.01 -19.66 23.59
CA GLY C 524 -3.63 -20.10 23.62
C GLY C 524 -2.79 -19.70 22.42
N SER C 525 -3.28 -18.78 21.60
CA SER C 525 -2.43 -18.21 20.55
C SER C 525 -1.49 -17.17 21.14
N LYS C 526 -0.34 -17.02 20.50
CA LYS C 526 0.75 -16.27 21.08
C LYS C 526 1.31 -15.35 20.00
N CYS C 527 1.82 -14.19 20.43
CA CYS C 527 2.33 -13.19 19.50
C CYS C 527 3.59 -12.56 20.06
N PHE C 528 4.68 -12.58 19.31
CA PHE C 528 5.94 -12.00 19.76
C PHE C 528 6.36 -10.80 18.92
N LEU C 529 6.97 -9.83 19.59
CA LEU C 529 7.59 -8.66 19.00
C LEU C 529 9.05 -8.63 19.45
N LEU C 530 10.00 -8.71 18.50
CA LEU C 530 11.41 -8.75 18.89
C LEU C 530 12.22 -7.72 18.10
N THR C 531 13.13 -7.03 18.80
CA THR C 531 13.67 -5.78 18.28
C THR C 531 15.03 -5.49 18.93
N SER C 532 15.87 -4.75 18.20
CA SER C 532 17.12 -4.20 18.70
C SER C 532 16.99 -2.75 19.12
N ASN C 533 15.82 -2.15 18.93
CA ASN C 533 15.59 -0.73 19.12
C ASN C 533 14.47 -0.53 20.15
N ALA C 534 14.81 0.03 21.31
CA ALA C 534 13.77 0.34 22.28
C ALA C 534 12.67 1.22 21.69
N GLY C 535 12.99 1.95 20.63
CA GLY C 535 12.02 2.73 19.90
C GLY C 535 10.79 1.91 19.53
N VAL C 536 11.01 0.79 18.82
CA VAL C 536 9.92 -0.05 18.34
C VAL C 536 9.03 -0.54 19.49
N ILE C 537 9.66 -1.02 20.57
CA ILE C 537 8.93 -1.45 21.77
C ILE C 537 8.02 -0.33 22.26
N GLU C 538 8.62 0.84 22.54
CA GLU C 538 7.82 1.99 22.98
C GLU C 538 6.70 2.32 21.99
N LYS C 539 6.96 2.14 20.69
CA LYS C 539 6.00 2.54 19.67
C LYS C 539 4.79 1.62 19.66
N GLU C 540 4.97 0.36 20.04
CA GLU C 540 3.77 -0.47 20.22
C GLU C 540 3.15 -0.26 21.60
N GLN C 541 3.95 0.10 22.59
CA GLN C 541 3.41 0.55 23.87
C GLN C 541 2.32 1.60 23.67
N ILE C 542 2.67 2.68 22.96
CA ILE C 542 1.73 3.77 22.78
C ILE C 542 0.51 3.27 22.03
N ASN C 543 0.69 2.29 21.12
CA ASN C 543 -0.45 1.74 20.38
C ASN C 543 -1.45 1.06 21.32
N MET C 544 -0.95 0.27 22.26
CA MET C 544 -1.88 -0.38 23.18
C MET C 544 -2.63 0.64 24.03
N TYR C 545 -1.93 1.68 24.50
CA TYR C 545 -2.66 2.74 25.19
C TYR C 545 -3.72 3.35 24.27
N LYS C 546 -3.41 3.48 22.98
CA LYS C 546 -4.37 4.06 22.03
C LYS C 546 -5.62 3.19 21.93
N GLU C 547 -5.46 1.86 21.89
CA GLU C 547 -6.63 0.97 21.92
C GLU C 547 -7.45 1.20 23.18
N LYS C 548 -6.78 1.33 24.32
CA LYS C 548 -7.48 1.64 25.57
C LYS C 548 -8.38 2.86 25.37
N MET C 549 -7.79 3.96 24.89
CA MET C 549 -8.56 5.20 24.74
C MET C 549 -9.71 5.01 23.75
N MET C 550 -9.49 4.24 22.69
CA MET C 550 -10.56 4.02 21.72
C MET C 550 -11.77 3.39 22.40
N ASN C 551 -11.55 2.30 23.14
CA ASN C 551 -12.67 1.63 23.79
C ASN C 551 -13.37 2.55 24.78
N ASP C 552 -12.57 3.27 25.58
CA ASP C 552 -13.14 4.19 26.57
C ASP C 552 -13.99 5.25 25.91
N SER C 553 -13.53 5.80 24.78
CA SER C 553 -14.25 6.87 24.11
C SER C 553 -15.53 6.35 23.47
N ILE C 554 -15.48 5.18 22.84
CA ILE C 554 -16.69 4.60 22.25
C ILE C 554 -17.78 4.42 23.31
N LEU C 555 -17.40 3.86 24.47
CA LEU C 555 -18.44 3.68 25.47
C LEU C 555 -18.93 5.01 26.02
N ARG C 556 -18.04 6.00 26.16
CA ARG C 556 -18.53 7.32 26.55
C ARG C 556 -19.51 7.87 25.51
N LEU C 557 -19.31 7.57 24.22
CA LEU C 557 -20.26 8.00 23.18
C LEU C 557 -21.64 7.37 23.39
N GLN C 558 -21.67 6.05 23.52
CA GLN C 558 -22.95 5.33 23.62
C GLN C 558 -23.80 5.77 24.81
N THR C 559 -23.24 6.52 25.76
CA THR C 559 -24.01 7.06 26.87
C THR C 559 -24.51 8.47 26.61
N TRP C 560 -24.47 8.92 25.35
CA TRP C 560 -25.07 10.19 24.95
C TRP C 560 -26.43 9.95 24.33
N ASP C 561 -27.31 10.93 24.51
CA ASP C 561 -28.56 10.93 23.76
C ASP C 561 -28.25 10.83 22.27
N GLU C 562 -29.16 10.20 21.53
CA GLU C 562 -28.98 10.09 20.08
C GLU C 562 -28.95 11.46 19.41
N ALA C 563 -29.93 12.32 19.73
CA ALA C 563 -30.07 13.56 18.98
C ALA C 563 -28.94 14.53 19.25
N VAL C 564 -28.46 14.65 20.50
CA VAL C 564 -27.31 15.50 20.74
C VAL C 564 -26.15 15.07 19.84
N PHE C 565 -25.97 13.76 19.72
CA PHE C 565 -24.89 13.24 18.89
C PHE C 565 -25.13 13.51 17.41
N ARG C 566 -26.38 13.43 16.97
CA ARG C 566 -26.64 13.59 15.55
C ARG C 566 -26.49 15.05 15.12
N GLU C 567 -26.91 16.00 15.95
CA GLU C 567 -26.61 17.40 15.62
C GLU C 567 -25.12 17.66 15.72
N LYS C 568 -24.42 16.98 16.63
CA LYS C 568 -22.96 17.05 16.65
C LYS C 568 -22.37 16.64 15.29
N ILE C 569 -22.73 15.46 14.79
CA ILE C 569 -22.18 14.99 13.52
C ILE C 569 -22.55 15.95 12.38
N LEU C 570 -23.79 16.45 12.39
CA LEU C 570 -24.23 17.36 11.33
C LEU C 570 -23.36 18.60 11.31
N HIS C 571 -23.01 19.11 12.48
CA HIS C 571 -22.22 20.33 12.50
C HIS C 571 -20.76 20.05 12.13
N ILE C 572 -20.19 18.94 12.62
CA ILE C 572 -18.85 18.52 12.15
C ILE C 572 -18.83 18.45 10.64
N GLN C 573 -19.92 18.01 10.06
CA GLN C 573 -19.93 17.58 8.68
C GLN C 573 -20.23 18.73 7.72
N THR C 574 -21.02 19.74 8.14
CA THR C 574 -21.06 20.99 7.38
C THR C 574 -19.74 21.76 7.48
N HIS C 575 -19.11 21.75 8.66
CA HIS C 575 -17.74 22.25 8.78
C HIS C 575 -16.87 21.68 7.69
N GLU C 576 -16.70 20.35 7.70
CA GLU C 576 -15.76 19.71 6.78
C GLU C 576 -16.13 19.92 5.32
N LYS C 577 -17.43 20.05 5.01
CA LYS C 577 -17.84 20.48 3.67
C LYS C 577 -17.20 21.81 3.27
N PHE C 578 -17.50 22.88 4.03
CA PHE C 578 -16.93 24.15 3.58
C PHE C 578 -15.40 24.13 3.66
N ILE C 579 -14.81 23.23 4.46
CA ILE C 579 -13.35 23.07 4.41
C ILE C 579 -12.93 22.55 3.03
N ARG C 580 -13.55 21.47 2.54
CA ARG C 580 -13.08 20.91 1.27
C ARG C 580 -13.40 21.84 0.10
N ASP C 581 -14.40 22.71 0.25
CA ASP C 581 -14.68 23.69 -0.80
C ASP C 581 -13.65 24.80 -0.82
N SER C 582 -13.33 25.35 0.36
CA SER C 582 -12.23 26.29 0.48
C SER C 582 -10.93 25.72 -0.06
N GLN C 583 -10.65 24.46 0.28
CA GLN C 583 -9.38 23.80 -0.07
C GLN C 583 -9.30 23.46 -1.55
N GLU C 584 -10.43 23.44 -2.24
CA GLU C 584 -10.43 23.46 -3.69
C GLU C 584 -9.58 24.62 -4.18
N LYS C 585 -8.53 24.28 -4.91
CA LYS C 585 -7.47 25.15 -5.43
C LYS C 585 -7.71 25.43 -6.91
N PRO C 586 -7.55 26.67 -7.34
CA PRO C 586 -7.72 27.00 -8.74
C PRO C 586 -6.46 26.67 -9.53
N LYS C 587 -6.54 26.87 -10.86
CA LYS C 587 -5.47 26.55 -11.78
C LYS C 587 -4.40 27.64 -11.76
N PRO C 588 -3.16 27.31 -12.10
CA PRO C 588 -2.22 28.33 -12.57
C PRO C 588 -2.32 28.45 -14.08
N VAL C 589 -1.53 29.33 -14.68
CA VAL C 589 -1.49 29.42 -16.14
C VAL C 589 -0.62 28.27 -16.66
N PRO C 590 -1.14 27.44 -17.57
CA PRO C 590 -0.26 26.52 -18.30
C PRO C 590 0.55 27.30 -19.32
N ASP C 591 1.86 27.13 -19.28
CA ASP C 591 2.73 27.77 -20.24
C ASP C 591 2.84 26.93 -21.51
N LYS C 592 2.90 27.59 -22.66
CA LYS C 592 2.81 26.96 -24.00
C LYS C 592 4.16 27.15 -24.72
N GLU C 593 5.10 26.22 -24.51
CA GLU C 593 6.45 26.37 -25.10
C GLU C 593 7.08 24.99 -25.41
N ASN C 594 8.22 25.02 -26.12
CA ASN C 594 8.85 23.83 -26.70
C ASN C 594 9.92 23.30 -25.74
N LYS C 595 9.52 22.38 -24.86
CA LYS C 595 10.41 21.91 -23.77
C LYS C 595 11.08 20.57 -24.11
N LYS C 596 12.40 20.51 -23.92
CA LYS C 596 13.15 19.27 -24.13
C LYS C 596 13.10 18.37 -22.90
N LEU C 597 12.82 17.09 -23.09
CA LEU C 597 12.93 16.12 -22.01
C LEU C 597 14.06 15.16 -22.36
N LEU C 598 15.00 15.00 -21.43
CA LEU C 598 16.18 14.17 -21.62
C LEU C 598 16.15 13.07 -20.59
N CYS C 599 17.00 12.08 -20.81
CA CYS C 599 17.04 10.93 -19.93
C CYS C 599 17.61 11.30 -18.58
N ARG C 600 17.42 10.41 -17.61
CA ARG C 600 17.99 10.55 -16.28
C ARG C 600 19.29 9.77 -16.08
N LYS C 601 19.51 8.63 -16.81
CA LYS C 601 20.78 7.89 -16.83
C LYS C 601 21.56 7.99 -18.14
N CYS C 602 21.10 8.74 -19.11
CA CYS C 602 22.06 9.14 -20.12
C CYS C 602 21.95 10.61 -20.51
N LYS C 603 20.86 11.27 -20.15
CA LYS C 603 20.57 12.65 -20.52
C LYS C 603 20.54 12.84 -22.04
N ALA C 604 20.39 11.78 -22.83
CA ALA C 604 20.23 11.99 -24.25
C ALA C 604 18.82 12.52 -24.54
N LEU C 605 18.71 13.21 -25.67
CA LEU C 605 17.42 13.74 -26.11
C LEU C 605 16.43 12.60 -26.27
N ALA C 606 15.21 12.81 -25.77
CA ALA C 606 14.13 11.87 -25.99
C ALA C 606 13.03 12.47 -26.86
N CYS C 607 12.45 13.60 -26.47
CA CYS C 607 11.53 14.37 -27.33
C CYS C 607 11.21 15.69 -26.63
N TYR C 608 10.27 16.42 -27.24
CA TYR C 608 9.80 17.72 -26.78
C TYR C 608 8.37 17.59 -26.27
N THR C 609 7.86 18.63 -25.61
CA THR C 609 6.48 18.57 -25.12
C THR C 609 5.46 18.63 -26.26
N ALA C 610 5.77 19.36 -27.34
CA ALA C 610 4.86 19.36 -28.47
C ALA C 610 4.75 17.99 -29.15
N ASP C 611 5.54 17.00 -28.71
CA ASP C 611 5.42 15.64 -29.20
C ASP C 611 4.32 14.84 -28.51
N VAL C 612 3.89 15.26 -27.33
CA VAL C 612 3.12 14.41 -26.42
C VAL C 612 1.69 14.93 -26.30
N ARG C 613 0.74 14.03 -26.50
CA ARG C 613 -0.66 14.28 -26.21
C ARG C 613 -1.00 13.46 -24.96
N VAL C 614 -2.17 13.72 -24.35
CA VAL C 614 -2.54 13.10 -23.07
C VAL C 614 -3.84 12.33 -23.21
N ILE C 615 -3.93 11.23 -22.47
CA ILE C 615 -5.03 10.26 -22.57
C ILE C 615 -5.76 10.18 -21.24
N GLU C 616 -7.04 10.54 -21.27
CA GLU C 616 -7.90 10.61 -20.08
C GLU C 616 -7.17 11.26 -18.88
N GLU C 617 -6.41 12.32 -19.15
CA GLU C 617 -5.90 13.27 -18.16
C GLU C 617 -4.87 12.67 -17.21
N CYS C 618 -4.55 11.39 -17.32
CA CYS C 618 -3.64 10.73 -16.39
C CYS C 618 -2.34 10.29 -17.03
N HIS C 619 -2.43 9.62 -18.18
CA HIS C 619 -1.29 8.98 -18.83
C HIS C 619 -0.97 9.72 -20.11
N TYR C 620 0.31 9.91 -20.37
CA TYR C 620 0.74 10.80 -21.44
C TYR C 620 1.62 10.03 -22.43
N THR C 621 1.31 10.17 -23.72
CA THR C 621 1.97 9.41 -24.79
C THR C 621 2.97 10.28 -25.54
N VAL C 622 3.43 9.76 -26.68
CA VAL C 622 4.29 10.45 -27.62
C VAL C 622 3.86 10.06 -29.03
N LEU C 623 3.95 11.00 -29.95
CA LEU C 623 3.72 10.71 -31.36
C LEU C 623 5.00 10.93 -32.15
N GLY C 624 5.10 10.30 -33.30
CA GLY C 624 6.23 10.58 -34.15
C GLY C 624 7.36 9.60 -33.92
N ASP C 625 8.13 9.36 -34.98
CA ASP C 625 9.16 8.32 -34.87
C ASP C 625 10.32 8.72 -33.96
N ALA C 626 10.39 9.99 -33.56
CA ALA C 626 11.50 10.45 -32.73
C ALA C 626 11.62 9.68 -31.42
N PHE C 627 10.55 9.04 -30.98
CA PHE C 627 10.69 8.17 -29.82
C PHE C 627 11.01 6.74 -30.24
N LYS C 628 10.34 6.24 -31.28
CA LYS C 628 10.69 4.92 -31.80
C LYS C 628 12.18 4.81 -32.11
N GLU C 629 12.90 5.93 -32.32
CA GLU C 629 14.36 5.86 -32.36
C GLU C 629 14.91 5.32 -31.06
N CYS C 630 14.59 5.99 -29.96
CA CYS C 630 15.41 5.99 -28.75
C CYS C 630 14.81 5.15 -27.63
N PHE C 631 14.20 4.01 -27.96
CA PHE C 631 13.90 3.03 -26.92
C PHE C 631 13.97 1.65 -27.54
N VAL C 632 13.95 0.65 -26.67
CA VAL C 632 13.82 -0.73 -27.07
C VAL C 632 12.67 -1.31 -26.26
N SER C 633 11.78 -2.04 -26.94
CA SER C 633 10.65 -2.72 -26.32
C SER C 633 11.11 -4.03 -25.66
N ARG C 634 10.60 -4.30 -24.46
CA ARG C 634 10.86 -5.57 -23.80
C ARG C 634 9.56 -6.21 -23.35
N PRO C 635 9.09 -7.25 -24.03
CA PRO C 635 7.97 -8.06 -23.53
C PRO C 635 8.11 -8.33 -22.04
N HIS C 636 6.97 -8.32 -21.35
CA HIS C 636 7.07 -8.18 -19.90
C HIS C 636 6.74 -9.47 -19.16
N PRO C 637 7.34 -9.68 -17.97
CA PRO C 637 6.98 -10.84 -17.13
C PRO C 637 5.75 -10.64 -16.26
N LYS C 638 5.07 -9.51 -16.34
CA LYS C 638 3.81 -9.27 -15.62
C LYS C 638 2.82 -8.60 -16.57
N PRO C 639 2.26 -9.36 -17.53
CA PRO C 639 1.24 -8.77 -18.40
C PRO C 639 -0.06 -8.51 -17.66
N LYS C 640 -0.05 -7.46 -16.85
CA LYS C 640 -1.24 -6.96 -16.17
C LYS C 640 -2.10 -6.17 -17.16
N GLN C 641 -3.31 -5.82 -16.73
CA GLN C 641 -4.08 -4.82 -17.46
C GLN C 641 -4.90 -3.99 -16.48
N PHE C 642 -4.99 -2.70 -16.78
CA PHE C 642 -5.75 -1.74 -16.00
C PHE C 642 -6.52 -0.86 -16.98
N SER C 643 -7.41 -0.03 -16.44
CA SER C 643 -8.78 -0.02 -16.91
C SER C 643 -8.92 -0.24 -18.41
N SER C 644 -8.50 0.68 -19.27
CA SER C 644 -8.83 0.43 -20.67
C SER C 644 -7.59 0.24 -21.57
N PHE C 645 -6.56 -0.38 -21.00
CA PHE C 645 -5.29 -0.62 -21.66
C PHE C 645 -4.94 -2.10 -21.45
N GLU C 646 -4.04 -2.63 -22.27
CA GLU C 646 -3.43 -3.93 -21.97
C GLU C 646 -1.91 -3.79 -22.05
N LYS C 647 -1.24 -4.13 -20.95
CA LYS C 647 0.20 -3.97 -20.81
C LYS C 647 0.97 -5.12 -21.47
N ARG C 648 1.96 -4.81 -22.32
CA ARG C 648 2.73 -5.92 -22.89
C ARG C 648 4.24 -5.76 -22.84
N ALA C 649 4.77 -4.54 -22.74
CA ALA C 649 6.21 -4.34 -22.71
C ALA C 649 6.54 -3.25 -21.71
N LYS C 650 7.78 -3.27 -21.24
CA LYS C 650 8.39 -2.11 -20.62
C LYS C 650 9.51 -1.63 -21.55
N ILE C 651 9.58 -0.33 -21.77
CA ILE C 651 10.46 0.25 -22.78
C ILE C 651 11.62 0.93 -22.08
N PHE C 652 12.84 0.72 -22.60
CA PHE C 652 13.97 1.37 -21.98
C PHE C 652 14.81 2.10 -23.01
N CYS C 653 15.84 2.77 -22.50
CA CYS C 653 16.80 3.48 -23.33
C CYS C 653 17.44 2.54 -24.35
N ALA C 654 17.37 2.92 -25.62
CA ALA C 654 18.13 2.21 -26.63
C ALA C 654 19.62 2.52 -26.55
N ARG C 655 20.01 3.60 -25.87
CA ARG C 655 21.42 3.96 -25.82
C ARG C 655 22.23 2.85 -25.18
N GLN C 656 23.37 2.54 -25.81
CA GLN C 656 24.31 1.59 -25.22
C GLN C 656 24.59 1.99 -23.76
N ASN C 657 24.65 1.00 -22.90
CA ASN C 657 25.09 1.15 -21.52
C ASN C 657 24.20 2.12 -20.74
N CYS C 658 22.92 2.22 -21.12
CA CYS C 658 22.03 3.11 -20.37
C CYS C 658 20.85 2.38 -19.75
N SER C 659 19.99 1.75 -20.55
CA SER C 659 18.92 0.87 -20.11
C SER C 659 18.16 1.31 -18.85
N HIS C 660 17.78 2.59 -18.75
CA HIS C 660 17.01 3.08 -17.60
C HIS C 660 15.53 2.85 -17.88
N ASP C 661 14.74 2.67 -16.81
CA ASP C 661 13.31 2.39 -16.96
C ASP C 661 12.54 3.68 -17.20
N TRP C 662 11.93 3.79 -18.38
CA TRP C 662 11.34 5.05 -18.83
C TRP C 662 9.82 5.05 -18.88
N GLY C 663 9.22 3.88 -19.03
CA GLY C 663 7.77 3.77 -19.14
C GLY C 663 7.46 2.37 -19.59
N ILE C 664 6.26 2.20 -20.13
CA ILE C 664 5.78 0.89 -20.57
C ILE C 664 5.29 1.01 -22.00
N HIS C 665 4.85 -0.13 -22.55
CA HIS C 665 4.29 -0.21 -23.89
C HIS C 665 2.99 -1.02 -23.80
N VAL C 666 1.95 -0.56 -24.49
CA VAL C 666 0.60 -0.93 -24.13
C VAL C 666 -0.34 -0.75 -25.31
N LYS C 667 -1.31 -1.67 -25.43
CA LYS C 667 -2.44 -1.54 -26.36
C LYS C 667 -3.50 -0.60 -25.77
N TYR C 668 -3.82 0.45 -26.50
CA TYR C 668 -4.97 1.30 -26.26
C TYR C 668 -5.75 1.25 -27.57
N LYS C 669 -6.99 1.74 -27.59
CA LYS C 669 -8.07 1.12 -28.37
C LYS C 669 -7.64 0.32 -29.62
N THR C 670 -7.05 0.97 -30.61
CA THR C 670 -6.63 0.24 -31.79
C THR C 670 -5.15 0.41 -32.05
N PHE C 671 -4.45 1.12 -31.18
CA PHE C 671 -3.08 1.52 -31.31
C PHE C 671 -2.20 0.76 -30.33
N GLU C 672 -0.96 0.51 -30.75
CA GLU C 672 0.15 0.29 -29.83
C GLU C 672 0.73 1.65 -29.47
N ILE C 673 1.02 1.86 -28.18
CA ILE C 673 1.77 3.06 -27.82
C ILE C 673 2.68 2.77 -26.64
N PRO C 674 3.84 3.39 -26.58
CA PRO C 674 4.56 3.52 -25.32
C PRO C 674 4.05 4.72 -24.53
N VAL C 675 3.97 4.57 -23.21
CA VAL C 675 3.58 5.66 -22.30
C VAL C 675 4.54 5.69 -21.13
N ILE C 676 4.92 6.89 -20.71
CA ILE C 676 6.17 7.13 -20.00
C ILE C 676 5.90 7.83 -18.67
N LYS C 677 6.93 7.88 -17.82
CA LYS C 677 6.86 8.54 -16.52
C LYS C 677 7.76 9.75 -16.52
N ILE C 678 7.29 10.85 -15.93
CA ILE C 678 8.16 12.00 -15.72
C ILE C 678 9.33 11.62 -14.81
N GLU C 679 9.05 10.94 -13.71
CA GLU C 679 10.05 10.82 -12.66
C GLU C 679 11.11 9.81 -13.09
N SER C 680 11.16 9.55 -14.39
CA SER C 680 12.28 8.90 -15.04
C SER C 680 12.97 9.79 -16.08
N PHE C 681 12.74 11.11 -16.05
CA PHE C 681 13.40 12.04 -16.99
C PHE C 681 13.70 13.39 -16.34
N VAL C 682 14.31 14.27 -17.15
CA VAL C 682 14.72 15.63 -16.80
C VAL C 682 14.15 16.58 -17.84
N VAL C 683 13.76 17.79 -17.42
CA VAL C 683 13.11 18.75 -18.31
C VAL C 683 13.92 20.03 -18.38
N GLU C 684 14.42 20.37 -19.58
CA GLU C 684 15.20 21.57 -19.85
C GLU C 684 14.31 22.64 -20.53
N ASP C 685 14.92 23.74 -20.97
CA ASP C 685 14.18 24.87 -21.52
C ASP C 685 15.08 25.63 -22.49
N ILE C 686 14.46 26.17 -23.55
CA ILE C 686 15.22 26.62 -24.71
C ILE C 686 16.01 27.90 -24.41
N ALA C 687 15.33 28.97 -23.99
CA ALA C 687 16.06 30.20 -23.68
C ALA C 687 16.82 30.08 -22.37
N THR C 688 16.21 29.45 -21.36
CA THR C 688 16.83 29.40 -20.04
C THR C 688 18.06 28.52 -20.03
N GLY C 689 18.01 27.37 -20.71
CA GLY C 689 19.02 26.34 -20.57
C GLY C 689 18.94 25.53 -19.30
N VAL C 690 18.17 25.97 -18.30
CA VAL C 690 18.08 25.30 -17.01
C VAL C 690 17.13 24.12 -17.11
N GLN C 691 17.33 23.13 -16.26
CA GLN C 691 16.52 21.92 -16.26
C GLN C 691 16.12 21.56 -14.84
N THR C 692 14.92 21.00 -14.68
CA THR C 692 14.30 20.78 -13.39
C THR C 692 13.58 19.43 -13.35
N LEU C 693 13.65 18.76 -12.19
CA LEU C 693 13.08 17.44 -11.99
C LEU C 693 11.66 17.51 -11.43
N TYR C 694 10.75 16.74 -12.02
CA TYR C 694 9.40 16.56 -11.50
C TYR C 694 9.19 15.08 -11.16
N SER C 695 8.49 14.81 -10.06
CA SER C 695 8.21 13.42 -9.67
C SER C 695 6.84 12.96 -10.17
N LYS C 696 5.82 13.67 -9.75
CA LYS C 696 4.45 13.32 -10.09
C LYS C 696 4.04 13.99 -11.40
N TRP C 697 3.21 13.30 -12.20
CA TRP C 697 2.79 13.92 -13.46
C TRP C 697 1.89 15.11 -13.23
N LYS C 698 0.84 14.92 -12.44
CA LYS C 698 -0.08 16.01 -12.12
C LYS C 698 0.65 17.27 -11.68
N ASP C 699 1.88 17.12 -11.19
CA ASP C 699 2.69 18.25 -10.73
C ASP C 699 3.19 19.12 -11.87
N PHE C 700 3.15 18.65 -13.12
CA PHE C 700 3.81 19.32 -14.23
C PHE C 700 2.82 20.14 -15.05
N HIS C 701 3.19 21.40 -15.31
CA HIS C 701 2.31 22.37 -15.93
C HIS C 701 2.82 22.75 -17.32
N PHE C 702 2.01 22.46 -18.33
CA PHE C 702 2.19 22.92 -19.70
C PHE C 702 0.84 22.83 -20.39
N GLU C 703 0.86 22.97 -21.71
CA GLU C 703 -0.36 22.84 -22.49
C GLU C 703 -0.78 21.37 -22.55
N LYS C 704 -1.95 21.07 -21.97
CA LYS C 704 -2.43 19.70 -21.88
C LYS C 704 -3.16 19.35 -23.17
N ILE C 705 -2.39 19.03 -24.21
CA ILE C 705 -2.98 18.70 -25.50
C ILE C 705 -3.52 17.28 -25.45
N PRO C 706 -4.84 17.09 -25.47
CA PRO C 706 -5.38 15.74 -25.29
C PRO C 706 -5.07 14.87 -26.49
N PHE C 707 -5.16 13.57 -26.29
CA PHE C 707 -4.86 12.62 -27.35
C PHE C 707 -5.88 12.73 -28.46
N ASP C 708 -5.42 13.05 -29.70
CA ASP C 708 -6.38 12.91 -30.78
C ASP C 708 -6.07 11.65 -31.57
N PRO C 709 -7.06 10.82 -31.84
CA PRO C 709 -6.84 9.67 -32.73
C PRO C 709 -6.59 10.08 -34.18
N ALA C 710 -6.95 11.30 -34.57
CA ALA C 710 -6.77 11.72 -35.95
C ALA C 710 -5.30 11.88 -36.33
N GLU C 711 -4.40 12.02 -35.37
CA GLU C 711 -2.96 12.18 -35.64
C GLU C 711 -2.66 13.37 -36.55
#